data_3FT6
# 
_entry.id   3FT6 
# 
_audit_conform.dict_name       mmcif_pdbx.dic 
_audit_conform.dict_version    5.378 
_audit_conform.dict_location   http://mmcif.pdb.org/dictionaries/ascii/mmcif_pdbx.dic 
# 
loop_
_database_2.database_id 
_database_2.database_code 
_database_2.pdbx_database_accession 
_database_2.pdbx_DOI 
PDB   3FT6         pdb_00003ft6 10.2210/pdb3ft6/pdb 
NDB   DD0103       ?            ?                   
RCSB  RCSB051011   ?            ?                   
WWPDB D_1000051011 ?            ?                   
# 
_pdbx_database_status.status_code                     REL 
_pdbx_database_status.entry_id                        3FT6 
_pdbx_database_status.recvd_initial_deposition_date   2009-01-12 
_pdbx_database_status.deposit_site                    RCSB 
_pdbx_database_status.process_site                    RCSB 
_pdbx_database_status.status_code_sf                  REL 
_pdbx_database_status.status_code_mr                  ? 
_pdbx_database_status.SG_entry                        ? 
_pdbx_database_status.pdb_format_compatible           Y 
_pdbx_database_status.status_code_cs                  ? 
_pdbx_database_status.methods_development_category    ? 
_pdbx_database_status.status_code_nmr_data            ? 
# 
loop_
_audit_author.name 
_audit_author.pdbx_ordinal 
'Maehigashi, T.' 1 
'Persil, O.'     2 
'Hud, N.V.'      3 
'Williams, L.D.' 4 
# 
_citation.id                        primary 
_citation.title                     'Crystal Structure of Proflavine in Complex with a DNA hexamer duplex' 
_citation.journal_abbrev            'To be Published' 
_citation.journal_volume            ? 
_citation.page_first                ? 
_citation.page_last                 ? 
_citation.year                      ? 
_citation.journal_id_ASTM           ? 
_citation.country                   ? 
_citation.journal_id_ISSN           ? 
_citation.journal_id_CSD            0353 
_citation.book_publisher            ? 
_citation.pdbx_database_id_PubMed   ? 
_citation.pdbx_database_id_DOI      ? 
# 
loop_
_citation_author.citation_id 
_citation_author.name 
_citation_author.ordinal 
_citation_author.identifier_ORCID 
primary 'Maehigashi, T.' 1 ? 
primary 'Persil, O.'     2 ? 
primary 'Hud, N.V.'      3 ? 
primary 'Williams, L.D.' 4 ? 
# 
_cell.entry_id           3FT6 
_cell.length_a           24.563 
_cell.length_b           24.563 
_cell.length_c           78.276 
_cell.angle_alpha        90.00 
_cell.angle_beta         90.00 
_cell.angle_gamma        120.00 
_cell.Z_PDB              12 
_cell.pdbx_unique_axis   ? 
_cell.length_a_esd       ? 
_cell.length_b_esd       ? 
_cell.length_c_esd       ? 
_cell.angle_alpha_esd    ? 
_cell.angle_beta_esd     ? 
_cell.angle_gamma_esd    ? 
# 
_symmetry.entry_id                         3FT6 
_symmetry.space_group_name_H-M             'P 65' 
_symmetry.pdbx_full_space_group_name_H-M   ? 
_symmetry.cell_setting                     ? 
_symmetry.Int_Tables_number                170 
_symmetry.space_group_name_Hall            ? 
# 
loop_
_entity.id 
_entity.type 
_entity.src_method 
_entity.pdbx_description 
_entity.formula_weight 
_entity.pdbx_number_of_molecules 
_entity.pdbx_ec 
_entity.pdbx_mutation 
_entity.pdbx_fragment 
_entity.details 
1 polymer     syn "5'-D(*CP*GP*AP*TP*CP*G)-3'" 1809.217 2  ? ? ? ? 
2 non-polymer syn PROFLAVIN                    209.247  2  ? ? ? ? 
3 non-polymer syn 'COBALT HEXAMMINE(III)'      161.116  3  ? ? ? ? 
4 water       nat water                        18.015   37 ? ? ? ? 
# 
_entity_poly.entity_id                      1 
_entity_poly.type                           polydeoxyribonucleotide 
_entity_poly.nstd_linkage                   no 
_entity_poly.nstd_monomer                   no 
_entity_poly.pdbx_seq_one_letter_code       '(DC)(DG)(DA)(DT)(DC)(DG)' 
_entity_poly.pdbx_seq_one_letter_code_can   CGATCG 
_entity_poly.pdbx_strand_id                 A,B 
_entity_poly.pdbx_target_identifier         ? 
# 
loop_
_entity_poly_seq.entity_id 
_entity_poly_seq.num 
_entity_poly_seq.mon_id 
_entity_poly_seq.hetero 
1 1 DC n 
1 2 DG n 
1 3 DA n 
1 4 DT n 
1 5 DC n 
1 6 DG n 
# 
_pdbx_entity_src_syn.entity_id              1 
_pdbx_entity_src_syn.pdbx_src_id            1 
_pdbx_entity_src_syn.pdbx_alt_source_flag   sample 
_pdbx_entity_src_syn.pdbx_beg_seq_num       ? 
_pdbx_entity_src_syn.pdbx_end_seq_num       ? 
_pdbx_entity_src_syn.organism_scientific    ? 
_pdbx_entity_src_syn.organism_common_name   ? 
_pdbx_entity_src_syn.ncbi_taxonomy_id       ? 
_pdbx_entity_src_syn.details                'Synthetic Construct' 
# 
_struct_ref.id                         1 
_struct_ref.db_name                    PDB 
_struct_ref.db_code                    3FT6 
_struct_ref.pdbx_db_accession          3FT6 
_struct_ref.entity_id                  1 
_struct_ref.pdbx_align_begin           1 
_struct_ref.pdbx_seq_one_letter_code   CGATCG 
_struct_ref.pdbx_db_isoform            ? 
# 
loop_
_struct_ref_seq.align_id 
_struct_ref_seq.ref_id 
_struct_ref_seq.pdbx_PDB_id_code 
_struct_ref_seq.pdbx_strand_id 
_struct_ref_seq.seq_align_beg 
_struct_ref_seq.pdbx_seq_align_beg_ins_code 
_struct_ref_seq.seq_align_end 
_struct_ref_seq.pdbx_seq_align_end_ins_code 
_struct_ref_seq.pdbx_db_accession 
_struct_ref_seq.db_align_beg 
_struct_ref_seq.pdbx_db_align_beg_ins_code 
_struct_ref_seq.db_align_end 
_struct_ref_seq.pdbx_db_align_end_ins_code 
_struct_ref_seq.pdbx_auth_seq_align_beg 
_struct_ref_seq.pdbx_auth_seq_align_end 
1 1 3FT6 A 1 ? 6 ? 3FT6 1 ? 6 ? 1 6 
2 1 3FT6 B 1 ? 6 ? 3FT6 1 ? 6 ? 1 6 
# 
loop_
_chem_comp.id 
_chem_comp.type 
_chem_comp.mon_nstd_flag 
_chem_comp.name 
_chem_comp.pdbx_synonyms 
_chem_comp.formula 
_chem_comp.formula_weight 
DA  'DNA linking' y "2'-DEOXYADENOSINE-5'-MONOPHOSPHATE" ? 'C10 H14 N5 O6 P' 331.222 
DC  'DNA linking' y "2'-DEOXYCYTIDINE-5'-MONOPHOSPHATE"  ? 'C9 H14 N3 O7 P'  307.197 
DG  'DNA linking' y "2'-DEOXYGUANOSINE-5'-MONOPHOSPHATE" ? 'C10 H14 N5 O7 P' 347.221 
DT  'DNA linking' y "THYMIDINE-5'-MONOPHOSPHATE"         ? 'C10 H15 N2 O8 P' 322.208 
HOH non-polymer   . WATER                                ? 'H2 O'            18.015  
NCO non-polymer   . 'COBALT HEXAMMINE(III)'              ? 'Co H18 N6 3'     161.116 
PRL non-polymer   . PROFLAVIN                            ? 'C13 H11 N3'      209.247 
# 
_exptl.entry_id          3FT6 
_exptl.method            'X-RAY DIFFRACTION' 
_exptl.crystals_number   1 
# 
_exptl_crystal.id                    1 
_exptl_crystal.density_meas          ? 
_exptl_crystal.density_Matthews      1.88 
_exptl_crystal.density_percent_sol   34.71 
_exptl_crystal.description           ? 
_exptl_crystal.F_000                 ? 
_exptl_crystal.preparation           ? 
# 
_exptl_crystal_grow.crystal_id      1 
_exptl_crystal_grow.method          'VAPOR DIFFUSION, SITTING DROP' 
_exptl_crystal_grow.temp            293.0 
_exptl_crystal_grow.temp_details    ? 
_exptl_crystal_grow.pH              7.0 
_exptl_crystal_grow.pdbx_details    
'HEPES, Cobalt Hexamine, MPD, PEG1000, pH 7.0, VAPOR DIFFUSION, SITTING DROP, temperature 293.0K' 
_exptl_crystal_grow.pdbx_pH_range   ? 
# 
loop_
_exptl_crystal_grow_comp.crystal_id 
_exptl_crystal_grow_comp.id 
_exptl_crystal_grow_comp.sol_id 
_exptl_crystal_grow_comp.name 
_exptl_crystal_grow_comp.volume 
_exptl_crystal_grow_comp.conc 
_exptl_crystal_grow_comp.details 
1 1 1 HEPES             ? ? ? 
1 2 1 MPD               ? ? ? 
1 3 1 PEG1000           ? ? ? 
1 4 1 'Cobalt Hexamine' ? ? ? 
1 5 2 HEPES             ? ? ? 
1 6 2 'Cobalt Hexamine' ? ? ? 
1 7 2 MPD               ? ? ? 
1 8 2 PEG1000           ? ? ? 
# 
_diffrn.id                     1 
_diffrn.ambient_temp           ? 
_diffrn.ambient_temp_details   ? 
_diffrn.crystal_id             1 
# 
_diffrn_detector.diffrn_id              1 
_diffrn_detector.detector               CCD 
_diffrn_detector.type                   'ADSC QUANTUM 315' 
_diffrn_detector.pdbx_collection_date   2007-08-13 
_diffrn_detector.details                ? 
# 
_diffrn_radiation.diffrn_id                        1 
_diffrn_radiation.wavelength_id                    1 
_diffrn_radiation.pdbx_monochromatic_or_laue_m_l   M 
_diffrn_radiation.monochromator                    ? 
_diffrn_radiation.pdbx_diffrn_protocol             'SINGLE WAVELENGTH' 
_diffrn_radiation.pdbx_scattering_type             x-ray 
# 
_diffrn_radiation_wavelength.id           1 
_diffrn_radiation_wavelength.wavelength   1.0000 
_diffrn_radiation_wavelength.wt           1.0 
# 
_diffrn_source.diffrn_id                   1 
_diffrn_source.source                      SYNCHROTRON 
_diffrn_source.type                        'NSLS BEAMLINE X25' 
_diffrn_source.pdbx_synchrotron_site       NSLS 
_diffrn_source.pdbx_synchrotron_beamline   X25 
_diffrn_source.pdbx_wavelength             ? 
_diffrn_source.pdbx_wavelength_list        1.0000 
# 
_reflns.entry_id                     3FT6 
_reflns.observed_criterion_sigma_I   ? 
_reflns.observed_criterion_sigma_F   ? 
_reflns.d_resolution_low             21.27 
_reflns.d_resolution_high            1.10 
_reflns.number_obs                   10189 
_reflns.number_all                   10189 
_reflns.percent_possible_obs         93.4 
_reflns.pdbx_Rmerge_I_obs            ? 
_reflns.pdbx_Rsym_value              0.052 
_reflns.pdbx_netI_over_sigmaI        44.8 
_reflns.B_iso_Wilson_estimate        ? 
_reflns.pdbx_redundancy              9.1 
_reflns.R_free_details               ? 
_reflns.limit_h_max                  ? 
_reflns.limit_h_min                  ? 
_reflns.limit_k_max                  ? 
_reflns.limit_k_min                  ? 
_reflns.limit_l_max                  ? 
_reflns.limit_l_min                  ? 
_reflns.observed_criterion_F_max     ? 
_reflns.observed_criterion_F_min     ? 
_reflns.pdbx_chi_squared             ? 
_reflns.pdbx_scaling_rejects         ? 
_reflns.pdbx_diffrn_id               1 
_reflns.pdbx_ordinal                 1 
# 
_reflns_shell.d_res_high             1.10 
_reflns_shell.d_res_low              1.14 
_reflns_shell.percent_possible_all   52.4 
_reflns_shell.Rmerge_I_obs           ? 
_reflns_shell.pdbx_Rsym_value        0.334 
_reflns_shell.meanI_over_sigI_obs    1.75 
_reflns_shell.pdbx_redundancy        3.5 
_reflns_shell.percent_possible_obs   ? 
_reflns_shell.number_unique_all      569 
_reflns_shell.number_measured_all    ? 
_reflns_shell.number_measured_obs    ? 
_reflns_shell.number_unique_obs      ? 
_reflns_shell.pdbx_chi_squared       ? 
_reflns_shell.pdbx_diffrn_id         ? 
_reflns_shell.pdbx_ordinal           1 
# 
_refine.entry_id                                 3FT6 
_refine.ls_number_reflns_obs                     8808 
_refine.ls_number_reflns_all                     ? 
_refine.pdbx_ls_sigma_I                          ? 
_refine.pdbx_ls_sigma_F                          0 
_refine.pdbx_data_cutoff_high_absF               ? 
_refine.pdbx_data_cutoff_low_absF                ? 
_refine.pdbx_data_cutoff_high_rms_absF           ? 
_refine.ls_d_res_low                             20.53 
_refine.ls_d_res_high                            1.12 
_refine.ls_percent_reflns_obs                    96.57 
_refine.ls_R_factor_obs                          0.18811 
_refine.ls_R_factor_all                          ? 
_refine.ls_R_factor_R_work                       0.18433 
_refine.ls_R_factor_R_free                       0.21929 
_refine.ls_R_factor_R_free_error                 ? 
_refine.ls_R_factor_R_free_error_details         ? 
_refine.ls_percent_reflns_R_free                 11.1 
_refine.ls_number_reflns_R_free                  1096 
_refine.ls_number_parameters                     ? 
_refine.ls_number_restraints                     ? 
_refine.occupancy_min                            ? 
_refine.occupancy_max                            ? 
_refine.correlation_coeff_Fo_to_Fc               0.960 
_refine.correlation_coeff_Fo_to_Fc_free          0.946 
_refine.B_iso_mean                               15.446 
_refine.aniso_B[1][1]                            0.00 
_refine.aniso_B[2][2]                            0.00 
_refine.aniso_B[3][3]                            0.00 
_refine.aniso_B[1][2]                            0.00 
_refine.aniso_B[1][3]                            0.00 
_refine.aniso_B[2][3]                            0.00 
_refine.solvent_model_details                    MASK 
_refine.solvent_model_param_ksol                 ? 
_refine.solvent_model_param_bsol                 ? 
_refine.pdbx_solvent_vdw_probe_radii             1.20 
_refine.pdbx_solvent_ion_probe_radii             0.80 
_refine.pdbx_solvent_shrinkage_radii             0.80 
_refine.pdbx_ls_cross_valid_method               THROUGHOUT 
_refine.details                                  'HYDROGENS HAVE BEEN ADDED IN THE RIDING POSITIONS' 
_refine.pdbx_starting_model                      'PDB Entry 1Z3F (DNA only)' 
_refine.pdbx_method_to_determine_struct          'MOLECULAR REPLACEMENT' 
_refine.pdbx_isotropic_thermal_model             ? 
_refine.pdbx_stereochemistry_target_values       'MAXIMUM LIKELIHOOD' 
_refine.pdbx_stereochem_target_val_spec_case     ? 
_refine.pdbx_R_Free_selection_details            RANDOM 
_refine.pdbx_overall_ESU_R                       0.051 
_refine.pdbx_overall_ESU_R_Free                  0.050 
_refine.overall_SU_ML                            0.036 
_refine.overall_SU_B                             1.652 
_refine.ls_redundancy_reflns_obs                 ? 
_refine.B_iso_min                                ? 
_refine.B_iso_max                                ? 
_refine.overall_SU_R_Cruickshank_DPI             ? 
_refine.overall_SU_R_free                        ? 
_refine.ls_wR_factor_R_free                      ? 
_refine.ls_wR_factor_R_work                      ? 
_refine.overall_FOM_free_R_set                   ? 
_refine.overall_FOM_work_R_set                   ? 
_refine.pdbx_overall_phase_error                 ? 
_refine.pdbx_refine_id                           'X-RAY DIFFRACTION' 
_refine.pdbx_diffrn_id                           1 
_refine.pdbx_TLS_residual_ADP_flag               ? 
_refine.pdbx_overall_SU_R_free_Cruickshank_DPI   ? 
_refine.pdbx_overall_SU_R_Blow_DPI               ? 
_refine.pdbx_overall_SU_R_free_Blow_DPI          ? 
# 
_refine_hist.pdbx_refine_id                   'X-RAY DIFFRACTION' 
_refine_hist.cycle_id                         LAST 
_refine_hist.pdbx_number_atoms_protein        0 
_refine_hist.pdbx_number_atoms_nucleic_acid   240 
_refine_hist.pdbx_number_atoms_ligand         53 
_refine_hist.number_atoms_solvent             37 
_refine_hist.number_atoms_total               330 
_refine_hist.d_res_high                       1.12 
_refine_hist.d_res_low                        20.53 
# 
loop_
_refine_ls_restr.type 
_refine_ls_restr.dev_ideal 
_refine_ls_restr.dev_ideal_target 
_refine_ls_restr.weight 
_refine_ls_restr.number 
_refine_ls_restr.pdbx_refine_id 
_refine_ls_restr.pdbx_restraint_function 
r_bond_refined_d         0.010 0.021 ? 322 'X-RAY DIFFRACTION' ? 
r_angle_refined_deg      1.732 3.000 ? 507 'X-RAY DIFFRACTION' ? 
r_chiral_restr           0.091 0.200 ? 46  'X-RAY DIFFRACTION' ? 
r_gen_planes_refined     0.022 0.020 ? 158 'X-RAY DIFFRACTION' ? 
r_nbd_refined            0.132 0.200 ? 122 'X-RAY DIFFRACTION' ? 
r_nbtor_refined          0.326 0.200 ? 158 'X-RAY DIFFRACTION' ? 
r_xyhbond_nbd_refined    0.123 0.200 ? 17  'X-RAY DIFFRACTION' ? 
r_symmetry_vdw_refined   0.165 0.200 ? 34  'X-RAY DIFFRACTION' ? 
r_symmetry_hbond_refined 0.118 0.200 ? 10  'X-RAY DIFFRACTION' ? 
r_scbond_it              2.325 3.000 ? 559 'X-RAY DIFFRACTION' ? 
r_scangle_it             2.782 4.500 ? 498 'X-RAY DIFFRACTION' ? 
r_rigid_bond_restr       1.926 3.000 ? 559 'X-RAY DIFFRACTION' ? 
r_sphericity_bonded      5.270 3.000 ? 293 'X-RAY DIFFRACTION' ? 
# 
_refine_ls_shell.pdbx_total_number_of_bins_used   20 
_refine_ls_shell.d_res_high                       1.120 
_refine_ls_shell.d_res_low                        1.149 
_refine_ls_shell.number_reflns_R_work             472 
_refine_ls_shell.R_factor_R_work                  0.259 
_refine_ls_shell.percent_reflns_obs               73.41 
_refine_ls_shell.R_factor_R_free                  0.283 
_refine_ls_shell.R_factor_R_free_error            ? 
_refine_ls_shell.percent_reflns_R_free            ? 
_refine_ls_shell.number_reflns_R_free             69 
_refine_ls_shell.number_reflns_all                ? 
_refine_ls_shell.R_factor_all                     ? 
_refine_ls_shell.number_reflns_obs                472 
_refine_ls_shell.redundancy_reflns_obs            ? 
_refine_ls_shell.pdbx_refine_id                   'X-RAY DIFFRACTION' 
# 
_struct.entry_id                  3FT6 
_struct.title                     'Crystal Structure of Proflavine in Complex with a DNA hexamer duplex' 
_struct.pdbx_model_details        ? 
_struct.pdbx_CASP_flag            ? 
_struct.pdbx_model_type_details   ? 
# 
_struct_keywords.entry_id        3FT6 
_struct_keywords.pdbx_keywords   DNA 
_struct_keywords.text            'DNA, DNA Binding, Proflavine, Intercalator' 
# 
loop_
_struct_asym.id 
_struct_asym.pdbx_blank_PDB_chainid_flag 
_struct_asym.pdbx_modified 
_struct_asym.entity_id 
_struct_asym.details 
A N N 1 ? 
B N N 1 ? 
C N N 2 ? 
D N N 3 ? 
E N N 3 ? 
F N N 2 ? 
G N N 3 ? 
H N N 4 ? 
I N N 4 ? 
# 
_struct_biol.id        1 
_struct_biol.details   ? 
# 
loop_
_struct_conn.id 
_struct_conn.conn_type_id 
_struct_conn.pdbx_leaving_atom_flag 
_struct_conn.pdbx_PDB_id 
_struct_conn.ptnr1_label_asym_id 
_struct_conn.ptnr1_label_comp_id 
_struct_conn.ptnr1_label_seq_id 
_struct_conn.ptnr1_label_atom_id 
_struct_conn.pdbx_ptnr1_label_alt_id 
_struct_conn.pdbx_ptnr1_PDB_ins_code 
_struct_conn.pdbx_ptnr1_standard_comp_id 
_struct_conn.ptnr1_symmetry 
_struct_conn.ptnr2_label_asym_id 
_struct_conn.ptnr2_label_comp_id 
_struct_conn.ptnr2_label_seq_id 
_struct_conn.ptnr2_label_atom_id 
_struct_conn.pdbx_ptnr2_label_alt_id 
_struct_conn.pdbx_ptnr2_PDB_ins_code 
_struct_conn.ptnr1_auth_asym_id 
_struct_conn.ptnr1_auth_comp_id 
_struct_conn.ptnr1_auth_seq_id 
_struct_conn.ptnr2_auth_asym_id 
_struct_conn.ptnr2_auth_comp_id 
_struct_conn.ptnr2_auth_seq_id 
_struct_conn.ptnr2_symmetry 
_struct_conn.pdbx_ptnr3_label_atom_id 
_struct_conn.pdbx_ptnr3_label_seq_id 
_struct_conn.pdbx_ptnr3_label_comp_id 
_struct_conn.pdbx_ptnr3_label_asym_id 
_struct_conn.pdbx_ptnr3_label_alt_id 
_struct_conn.pdbx_ptnr3_PDB_ins_code 
_struct_conn.details 
_struct_conn.pdbx_dist_value 
_struct_conn.pdbx_value_order 
_struct_conn.pdbx_role 
hydrog1  hydrog ? ? A DC 1 N3 ? ? ? 1_555 B DG 6 N1 ? ? A DC 1 B DG 6 1_555 ? ? ? ? ? ? WATSON-CRICK ? ? ? 
hydrog2  hydrog ? ? A DC 1 N4 ? ? ? 1_555 B DG 6 O6 ? ? A DC 1 B DG 6 1_555 ? ? ? ? ? ? WATSON-CRICK ? ? ? 
hydrog3  hydrog ? ? A DC 1 O2 ? ? ? 1_555 B DG 6 N2 ? ? A DC 1 B DG 6 1_555 ? ? ? ? ? ? WATSON-CRICK ? ? ? 
hydrog4  hydrog ? ? A DG 2 N1 ? ? ? 1_555 B DC 5 N3 ? ? A DG 2 B DC 5 1_555 ? ? ? ? ? ? WATSON-CRICK ? ? ? 
hydrog5  hydrog ? ? A DG 2 N2 ? ? ? 1_555 B DC 5 O2 ? ? A DG 2 B DC 5 1_555 ? ? ? ? ? ? WATSON-CRICK ? ? ? 
hydrog6  hydrog ? ? A DG 2 O6 ? ? ? 1_555 B DC 5 N4 ? ? A DG 2 B DC 5 1_555 ? ? ? ? ? ? WATSON-CRICK ? ? ? 
hydrog7  hydrog ? ? A DA 3 N1 ? ? ? 1_555 B DT 4 N3 ? ? A DA 3 B DT 4 1_555 ? ? ? ? ? ? WATSON-CRICK ? ? ? 
hydrog8  hydrog ? ? A DA 3 N6 ? ? ? 1_555 B DT 4 O4 ? ? A DA 3 B DT 4 1_555 ? ? ? ? ? ? WATSON-CRICK ? ? ? 
hydrog9  hydrog ? ? A DT 4 N3 ? ? ? 1_555 B DA 3 N1 ? ? A DT 4 B DA 3 1_555 ? ? ? ? ? ? WATSON-CRICK ? ? ? 
hydrog10 hydrog ? ? A DT 4 O4 ? ? ? 1_555 B DA 3 N6 ? ? A DT 4 B DA 3 1_555 ? ? ? ? ? ? WATSON-CRICK ? ? ? 
hydrog11 hydrog ? ? A DC 5 N3 ? ? ? 1_555 B DG 2 N1 ? ? A DC 5 B DG 2 1_555 ? ? ? ? ? ? WATSON-CRICK ? ? ? 
hydrog12 hydrog ? ? A DC 5 N4 ? ? ? 1_555 B DG 2 O6 ? ? A DC 5 B DG 2 1_555 ? ? ? ? ? ? WATSON-CRICK ? ? ? 
hydrog13 hydrog ? ? A DC 5 O2 ? ? ? 1_555 B DG 2 N2 ? ? A DC 5 B DG 2 1_555 ? ? ? ? ? ? WATSON-CRICK ? ? ? 
hydrog14 hydrog ? ? A DG 6 N1 ? ? ? 1_555 B DC 1 N3 ? ? A DG 6 B DC 1 1_555 ? ? ? ? ? ? WATSON-CRICK ? ? ? 
hydrog15 hydrog ? ? A DG 6 N2 ? ? ? 1_555 B DC 1 O2 ? ? A DG 6 B DC 1 1_555 ? ? ? ? ? ? WATSON-CRICK ? ? ? 
hydrog16 hydrog ? ? A DG 6 O6 ? ? ? 1_555 B DC 1 N4 ? ? A DG 6 B DC 1 1_555 ? ? ? ? ? ? WATSON-CRICK ? ? ? 
# 
_struct_conn_type.id          hydrog 
_struct_conn_type.criteria    ? 
_struct_conn_type.reference   ? 
# 
loop_
_struct_site.id 
_struct_site.pdbx_evidence_code 
_struct_site.pdbx_auth_asym_id 
_struct_site.pdbx_auth_comp_id 
_struct_site.pdbx_auth_seq_id 
_struct_site.pdbx_auth_ins_code 
_struct_site.pdbx_num_residues 
_struct_site.details 
AC1 Software A PRL 21 ? 7 'BINDING SITE FOR RESIDUE PRL A 21' 
AC2 Software A NCO 31 ? 6 'BINDING SITE FOR RESIDUE NCO A 31' 
AC3 Software A NCO 32 ? 7 'BINDING SITE FOR RESIDUE NCO A 32' 
AC4 Software B PRL 22 ? 7 'BINDING SITE FOR RESIDUE PRL B 22' 
AC5 Software B NCO 32 ? 8 'BINDING SITE FOR RESIDUE NCO B 32' 
1   ?        ? ?   ?  ? ? ?                                   
# 
loop_
_struct_site_gen.id 
_struct_site_gen.site_id 
_struct_site_gen.pdbx_num_res 
_struct_site_gen.label_comp_id 
_struct_site_gen.label_asym_id 
_struct_site_gen.label_seq_id 
_struct_site_gen.pdbx_auth_ins_code 
_struct_site_gen.auth_comp_id 
_struct_site_gen.auth_asym_id 
_struct_site_gen.auth_seq_id 
_struct_site_gen.label_atom_id 
_struct_site_gen.label_alt_id 
_struct_site_gen.symmetry 
_struct_site_gen.details 
1  AC1 7 DC  A 1 ? DC  A 1   . ? 1_555 ? 
2  AC1 7 DG  A 2 ? DG  A 2   . ? 1_555 ? 
3  AC1 7 DT  A 4 ? DT  A 4   . ? 5_455 ? 
4  AC1 7 NCO E . ? NCO A 32  . ? 1_555 ? 
5  AC1 7 HOH H . ? HOH A 108 . ? 1_555 ? 
6  AC1 7 DC  B 5 ? DC  B 5   . ? 1_555 ? 
7  AC1 7 DG  B 6 ? DG  B 6   . ? 1_555 ? 
8  AC2 6 DC  A 1 ? DC  A 1   . ? 6_664 ? 
9  AC2 6 DA  A 3 ? DA  A 3   . ? 1_555 ? 
10 AC2 6 HOH H . ? HOH A 123 . ? 5_465 ? 
11 AC2 6 DC  B 1 ? DC  B 1   . ? 5_565 ? 
12 AC2 6 DA  B 3 ? DA  B 3   . ? 1_565 ? 
13 AC2 6 HOH I . ? HOH B 134 . ? 6_554 ? 
14 AC3 7 DG  A 2 ? DG  A 2   . ? 1_555 ? 
15 AC3 7 DA  A 3 ? DA  A 3   . ? 1_555 ? 
16 AC3 7 DT  A 4 ? DT  A 4   . ? 5_455 ? 
17 AC3 7 DC  A 5 ? DC  A 5   . ? 5_455 ? 
18 AC3 7 PRL C . ? PRL A 21  . ? 1_555 ? 
19 AC3 7 HOH H . ? HOH A 33  . ? 1_555 ? 
20 AC3 7 DT  B 4 ? DT  B 4   . ? 1_555 ? 
21 AC4 7 DC  A 5 ? DC  A 5   . ? 1_555 ? 
22 AC4 7 DG  A 6 ? DG  A 6   . ? 1_555 ? 
23 AC4 7 DC  B 1 ? DC  B 1   . ? 1_555 ? 
24 AC4 7 DG  B 2 ? DG  B 2   . ? 1_555 ? 
25 AC4 7 DT  B 4 ? DT  B 4   . ? 6_554 ? 
26 AC4 7 NCO G . ? NCO B 32  . ? 1_555 ? 
27 AC4 7 HOH I . ? HOH B 113 . ? 1_555 ? 
28 AC5 8 DT  A 4 ? DT  A 4   . ? 1_555 ? 
29 AC5 8 DG  B 2 ? DG  B 2   . ? 1_555 ? 
30 AC5 8 DT  B 4 ? DT  B 4   . ? 6_554 ? 
31 AC5 8 DC  B 5 ? DC  B 5   . ? 6_554 ? 
32 AC5 8 PRL F . ? PRL B 22  . ? 1_555 ? 
33 AC5 8 HOH I . ? HOH B 33  . ? 1_555 ? 
34 AC5 8 HOH I . ? HOH B 118 . ? 1_555 ? 
35 AC5 8 HOH I . ? HOH B 133 . ? 1_555 ? 
# 
_atom_sites.entry_id                    3FT6 
_atom_sites.fract_transf_matrix[1][1]   -0.01219721 
_atom_sites.fract_transf_matrix[1][2]   0.01225425 
_atom_sites.fract_transf_matrix[1][3]   -0.04371514 
_atom_sites.fract_transf_matrix[2][1]   0.02458800 
_atom_sites.fract_transf_matrix[2][2]   0.03286005 
_atom_sites.fract_transf_matrix[2][3]   -0.02292569 
_atom_sites.fract_transf_matrix[3][1]   0.00771321 
_atom_sites.fract_transf_matrix[3][2]   -0.00904121 
_atom_sites.fract_transf_matrix[3][3]   -0.00468654 
_atom_sites.fract_transf_vector[1]      0.442565 
_atom_sites.fract_transf_vector[2]      0.723567 
_atom_sites.fract_transf_vector[3]      0.477191 
# 
loop_
_atom_type.symbol 
C  
CO 
N  
O  
P  
# 
loop_
_atom_site.group_PDB 
_atom_site.id 
_atom_site.type_symbol 
_atom_site.label_atom_id 
_atom_site.label_alt_id 
_atom_site.label_comp_id 
_atom_site.label_asym_id 
_atom_site.label_entity_id 
_atom_site.label_seq_id 
_atom_site.pdbx_PDB_ins_code 
_atom_site.Cartn_x 
_atom_site.Cartn_y 
_atom_site.Cartn_z 
_atom_site.occupancy 
_atom_site.B_iso_or_equiv 
_atom_site.pdbx_formal_charge 
_atom_site.auth_seq_id 
_atom_site.auth_comp_id 
_atom_site.auth_asym_id 
_atom_site.auth_atom_id 
_atom_site.pdbx_PDB_model_num 
ATOM   1   O  "O5'" . DC  A 1 1 ? 11.231  -5.411 4.404   1.00 20.66 ? 1   DC  A "O5'" 1 
ATOM   2   C  "C5'" . DC  A 1 1 ? 12.375  -4.558 4.631   1.00 16.84 ? 1   DC  A "C5'" 1 
ATOM   3   C  "C4'" . DC  A 1 1 ? 12.604  -3.589 3.471   1.00 14.45 ? 1   DC  A "C4'" 1 
ATOM   4   O  "O4'" . DC  A 1 1 ? 12.968  -4.329 2.298   1.00 14.78 ? 1   DC  A "O4'" 1 
ATOM   5   C  "C3'" . DC  A 1 1 ? 11.401  -2.781 3.000   1.00 13.73 ? 1   DC  A "C3'" 1 
ATOM   6   O  "O3'" . DC  A 1 1 ? 11.365  -1.581 3.713   1.00 16.22 ? 1   DC  A "O3'" 1 
ATOM   7   C  "C2'" . DC  A 1 1 ? 11.718  -2.443 1.560   1.00 15.03 ? 1   DC  A "C2'" 1 
ATOM   8   C  "C1'" . DC  A 1 1 ? 12.377  -3.734 1.149   1.00 13.44 ? 1   DC  A "C1'" 1 
ATOM   9   N  N1    . DC  A 1 1 ? 11.529  -4.754 0.463   1.00 11.78 ? 1   DC  A N1    1 
ATOM   10  C  C2    . DC  A 1 1 ? 11.272  -4.553 -0.898  1.00 11.22 ? 1   DC  A C2    1 
ATOM   11  O  O2    . DC  A 1 1 ? 11.667  -3.514 -1.429  1.00 12.19 ? 1   DC  A O2    1 
ATOM   12  N  N3    . DC  A 1 1 ? 10.561  -5.497 -1.581  1.00 11.26 ? 1   DC  A N3    1 
ATOM   13  C  C4    . DC  A 1 1 ? 10.150  -6.590 -0.938  1.00 11.32 ? 1   DC  A C4    1 
ATOM   14  N  N4    . DC  A 1 1 ? 9.460   -7.476 -1.648  1.00 12.00 ? 1   DC  A N4    1 
ATOM   15  C  C5    . DC  A 1 1 ? 10.385  -6.815 0.452   1.00 12.02 ? 1   DC  A C5    1 
ATOM   16  C  C6    . DC  A 1 1 ? 11.096  -5.887 1.094   1.00 12.18 ? 1   DC  A C6    1 
ATOM   17  P  P     . DG  A 1 2 ? 10.009  -1.114 4.389   1.00 17.77 ? 2   DG  A P     1 
ATOM   18  O  OP1   . DG  A 1 2 ? 10.398  -0.047 5.345   1.00 21.56 ? 2   DG  A OP1   1 
ATOM   19  O  OP2   . DG  A 1 2 ? 9.239   -2.297 4.855   1.00 20.04 ? 2   DG  A OP2   1 
ATOM   20  O  "O5'" . DG  A 1 2 ? 9.180   -0.455 3.206   1.00 16.22 ? 2   DG  A "O5'" 1 
ATOM   21  C  "C5'" . DG  A 1 2 ? 9.646   0.691  2.485   1.00 14.76 ? 2   DG  A "C5'" 1 
ATOM   22  C  "C4'" . DG  A 1 2 ? 8.472   1.533  2.012   1.00 14.00 ? 2   DG  A "C4'" 1 
ATOM   23  O  "O4'" . DG  A 1 2 ? 7.591   0.700  1.229   1.00 12.72 ? 2   DG  A "O4'" 1 
ATOM   24  C  "C3'" . DG  A 1 2 ? 7.580   2.106  3.107   1.00 14.74 ? 2   DG  A "C3'" 1 
ATOM   25  O  "O3'" . DG  A 1 2 ? 6.976   3.265  2.580   1.00 15.01 ? 2   DG  A "O3'" 1 
ATOM   26  C  "C2'" . DG  A 1 2 ? 6.460   1.092  3.244   1.00 13.49 ? 2   DG  A "C2'" 1 
ATOM   27  C  "C1'" . DG  A 1 2 ? 6.274   0.686  1.789   1.00 12.34 ? 2   DG  A "C1'" 1 
ATOM   28  N  N9    . DG  A 1 2 ? 5.736   -0.654 1.589   1.00 11.79 ? 2   DG  A N9    1 
ATOM   29  C  C8    . DG  A 1 2 ? 5.606   -1.669 2.527   1.00 12.72 ? 2   DG  A C8    1 
ATOM   30  N  N7    . DG  A 1 2 ? 5.125   -2.754 1.988   1.00 12.93 ? 2   DG  A N7    1 
ATOM   31  C  C5    . DG  A 1 2 ? 4.934   -2.443 0.651   1.00 11.56 ? 2   DG  A C5    1 
ATOM   32  C  C6    . DG  A 1 2 ? 4.443   -3.228 -0.407  1.00 11.88 ? 2   DG  A C6    1 
ATOM   33  O  O6    . DG  A 1 2 ? 4.085   -4.407 -0.366  1.00 12.50 ? 2   DG  A O6    1 
ATOM   34  N  N1    . DG  A 1 2 ? 4.388   -2.537 -1.608  1.00 11.18 ? 2   DG  A N1    1 
ATOM   35  C  C2    . DG  A 1 2 ? 4.786   -1.217 -1.756  1.00 10.93 ? 2   DG  A C2    1 
ATOM   36  N  N2    . DG  A 1 2 ? 4.676   -0.700 -2.987  1.00 11.45 ? 2   DG  A N2    1 
ATOM   37  N  N3    . DG  A 1 2 ? 5.269   -0.468 -0.766  1.00 11.26 ? 2   DG  A N3    1 
ATOM   38  C  C4    . DG  A 1 2 ? 5.307   -1.146 0.398   1.00 11.70 ? 2   DG  A C4    1 
ATOM   39  P  P     . DA  A 1 3 ? 7.250   4.724  3.153   1.00 14.35 ? 3   DA  A P     1 
ATOM   40  O  OP1   . DA  A 1 3 ? 8.699   5.028  3.146   1.00 18.36 ? 3   DA  A OP1   1 
ATOM   41  O  OP2   . DA  A 1 3 ? 6.486   4.830  4.399   1.00 19.43 ? 3   DA  A OP2   1 
ATOM   42  O  "O5'" . DA  A 1 3 ? 6.457   5.598  2.105   1.00 13.78 ? 3   DA  A "O5'" 1 
ATOM   43  C  "C5'" . DA  A 1 3 ? 6.954   5.691  0.784   1.00 11.80 ? 3   DA  A "C5'" 1 
ATOM   44  C  "C4'" . DA  A 1 3 ? 5.773   5.807  -0.136  1.00 11.20 ? 3   DA  A "C4'" 1 
ATOM   45  O  "O4'" . DA  A 1 3 ? 5.108   4.532  -0.301  1.00 11.06 ? 3   DA  A "O4'" 1 
ATOM   46  C  "C3'" . DA  A 1 3 ? 4.705   6.820  0.264   1.00 11.17 ? 3   DA  A "C3'" 1 
ATOM   47  O  "O3'" . DA  A 1 3 ? 4.416   7.538  -0.926  1.00 12.21 ? 3   DA  A "O3'" 1 
ATOM   48  C  "C2'" . DA  A 1 3 ? 3.530   5.958  0.717   1.00 10.79 ? 3   DA  A "C2'" 1 
ATOM   49  C  "C1'" . DA  A 1 3 ? 3.688   4.661  -0.044  1.00 10.99 ? 3   DA  A "C1'" 1 
ATOM   50  N  N9    . DA  A 1 3 ? 3.356   3.445  0.708   1.00 10.75 ? 3   DA  A N9    1 
ATOM   51  C  C8    . DA  A 1 3 ? 3.620   3.193  2.024   1.00 11.82 ? 3   DA  A C8    1 
ATOM   52  N  N7    . DA  A 1 3 ? 3.298   1.978  2.385   1.00 11.28 ? 3   DA  A N7    1 
ATOM   53  C  C5    . DA  A 1 3 ? 2.788   1.385  1.241   1.00 10.30 ? 3   DA  A C5    1 
ATOM   54  C  C6    . DA  A 1 3 ? 2.273   0.096  0.967   1.00 10.54 ? 3   DA  A C6    1 
ATOM   55  N  N6    . DA  A 1 3 ? 2.205   -0.901 1.871   1.00 11.58 ? 3   DA  A N6    1 
ATOM   56  N  N1    . DA  A 1 3 ? 1.870   -0.127 -0.293  1.00 10.43 ? 3   DA  A N1    1 
ATOM   57  C  C2    . DA  A 1 3 ? 1.942   0.846  -1.199  1.00 10.25 ? 3   DA  A C2    1 
ATOM   58  N  N3    . DA  A 1 3 ? 2.406   2.094  -1.065  1.00 9.86  ? 3   DA  A N3    1 
ATOM   59  C  C4    . DA  A 1 3 ? 2.827   2.283  0.190   1.00 9.40  ? 3   DA  A C4    1 
ATOM   60  P  P     . DT  A 1 4 ? 3.300   8.693  -1.006  1.00 13.77 ? 4   DT  A P     1 
ATOM   61  O  OP1   . DT  A 1 4 ? 3.788   9.638  -2.038  1.00 15.84 ? 4   DT  A OP1   1 
ATOM   62  O  OP2   . DT  A 1 4 ? 2.983   9.211  0.348   1.00 15.80 ? 4   DT  A OP2   1 
ATOM   63  O  "O5'" . DT  A 1 4 ? 2.020   7.933  -1.546  1.00 13.15 ? 4   DT  A "O5'" 1 
ATOM   64  C  "C5'" . DT  A 1 4 ? 2.032   7.413  -2.879  1.00 13.58 ? 4   DT  A "C5'" 1 
ATOM   65  C  "C4'" . DT  A 1 4 ? 0.823   6.538  -3.155  1.00 15.17 ? 4   DT  A "C4'" 1 
ATOM   66  O  "O4'" . DT  A 1 4 ? 0.905   5.379  -2.315  1.00 14.60 ? 4   DT  A "O4'" 1 
ATOM   67  C  "C3'" . DT  A 1 4 ? -0.517  7.158  -2.799  1.00 16.25 ? 4   DT  A "C3'" 1 
ATOM   68  O  "O3'" . DT  A 1 4 ? -1.007  7.812  -3.958  1.00 18.80 ? 4   DT  A "O3'" 1 
ATOM   69  C  "C2'" . DT  A 1 4 ? -1.416  6.000  -2.360  1.00 16.49 ? 4   DT  A "C2'" 1 
ATOM   70  C  "C1'" . DT  A 1 4 ? -0.432  4.863  -2.179  1.00 14.48 ? 4   DT  A "C1'" 1 
ATOM   71  N  N1    . DT  A 1 4 ? -0.442  4.165  -0.875  1.00 13.18 ? 4   DT  A N1    1 
ATOM   72  C  C2    . DT  A 1 4 ? -0.833  2.835  -0.835  1.00 11.74 ? 4   DT  A C2    1 
ATOM   73  O  O2    . DT  A 1 4 ? -1.235  2.220  -1.793  1.00 12.72 ? 4   DT  A O2    1 
ATOM   74  N  N3    . DT  A 1 4 ? -0.752  2.249  0.387   1.00 11.01 ? 4   DT  A N3    1 
ATOM   75  C  C4    . DT  A 1 4 ? -0.305  2.851  1.557   1.00 12.40 ? 4   DT  A C4    1 
ATOM   76  O  O4    . DT  A 1 4 ? -0.225  2.224  2.593   1.00 13.21 ? 4   DT  A O4    1 
ATOM   77  C  C5    . DT  A 1 4 ? 0.065   4.245  1.473   1.00 12.95 ? 4   DT  A C5    1 
ATOM   78  C  C7    . DT  A 1 4 ? 0.557   5.000  2.688   1.00 14.81 ? 4   DT  A C7    1 
ATOM   79  C  C6    . DT  A 1 4 ? -0.019  4.822  0.274   1.00 13.45 ? 4   DT  A C6    1 
ATOM   80  P  P     . DC  A 1 5 ? -2.078  8.991  -3.844  1.00 20.08 ? 5   DC  A P     1 
ATOM   81  O  OP1   . DC  A 1 5 ? -1.960  9.794  -5.077  1.00 23.69 ? 5   DC  A OP1   1 
ATOM   82  O  OP2   . DC  A 1 5 ? -2.009  9.631  -2.520  1.00 21.08 ? 5   DC  A OP2   1 
ATOM   83  O  "O5'" . DC  A 1 5 ? -3.472  8.236  -3.847  1.00 16.57 ? 5   DC  A "O5'" 1 
ATOM   84  C  "C5'" . DC  A 1 5 ? -3.893  7.483  -4.961  1.00 16.49 ? 5   DC  A "C5'" 1 
ATOM   85  C  "C4'" . DC  A 1 5 ? -5.102  6.685  -4.531  1.00 15.33 ? 5   DC  A "C4'" 1 
ATOM   86  O  "O4'" . DC  A 1 5 ? -4.697  5.848  -3.417  1.00 14.73 ? 5   DC  A "O4'" 1 
ATOM   87  C  "C3'" . DC  A 1 5 ? -6.270  7.546  -4.072  1.00 16.02 ? 5   DC  A "C3'" 1 
ATOM   88  O  "O3'" . DC  A 1 5 ? -7.419  7.105  -4.788  1.00 16.45 ? 5   DC  A "O3'" 1 
ATOM   89  C  "C2'" . DC  A 1 5 ? -6.387  7.280  -2.576  1.00 15.83 ? 5   DC  A "C2'" 1 
ATOM   90  C  "C1'" . DC  A 1 5 ? -5.622  5.963  -2.371  1.00 14.08 ? 5   DC  A "C1'" 1 
ATOM   91  N  N1    . DC  A 1 5 ? -4.904  5.865  -1.088  1.00 13.65 ? 5   DC  A N1    1 
ATOM   92  C  C2    . DC  A 1 5 ? -4.781  4.619  -0.458  1.00 12.89 ? 5   DC  A C2    1 
ATOM   93  O  O2    . DC  A 1 5 ? -5.278  3.629  -0.985  1.00 14.18 ? 5   DC  A O2    1 
ATOM   94  N  N3    . DC  A 1 5 ? -4.123  4.548  0.727   1.00 12.34 ? 5   DC  A N3    1 
ATOM   95  C  C4    . DC  A 1 5 ? -3.611  5.666  1.258   1.00 12.62 ? 5   DC  A C4    1 
ATOM   96  N  N4    . DC  A 1 5 ? -2.994  5.594  2.438   1.00 13.54 ? 5   DC  A N4    1 
ATOM   97  C  C5    . DC  A 1 5 ? -3.712  6.930  0.623   1.00 15.52 ? 5   DC  A C5    1 
ATOM   98  C  C6    . DC  A 1 5 ? -4.360  7.002  -0.543  1.00 14.55 ? 5   DC  A C6    1 
ATOM   99  P  P     . DG  A 1 6 ? -8.806  7.873  -4.727  1.00 16.66 ? 6   DG  A P     1 
ATOM   100 O  OP1   . DG  A 1 6 ? -9.489  7.593  -6.023  1.00 18.62 ? 6   DG  A OP1   1 
ATOM   101 O  OP2   . DG  A 1 6 ? -8.579  9.255  -4.269  1.00 18.03 ? 6   DG  A OP2   1 
ATOM   102 O  "O5'" . DG  A 1 6 ? -9.597  7.193  -3.524  1.00 15.52 ? 6   DG  A "O5'" 1 
ATOM   103 C  "C5'" . DG  A 1 6 ? -10.109 5.874  -3.682  1.00 15.29 ? 6   DG  A "C5'" 1 
ATOM   104 C  "C4'" . DG  A 1 6 ? -11.272 5.639  -2.754  1.00 13.37 ? 6   DG  A "C4'" 1 
ATOM   105 O  "O4'" . DG  A 1 6 ? -10.800 5.660  -1.392  1.00 12.26 ? 6   DG  A "O4'" 1 
ATOM   106 C  "C3'" . DG  A 1 6 ? -12.360 6.700  -2.780  1.00 13.36 ? 6   DG  A "C3'" 1 
ATOM   107 O  "O3'" . DG  A 1 6 ? -13.388 6.332  -3.717  1.00 15.30 ? 6   DG  A "O3'" 1 
ATOM   108 C  "C2'" . DG  A 1 6 ? -12.882 6.754  -1.342  1.00 13.54 ? 6   DG  A "C2'" 1 
ATOM   109 C  "C1'" . DG  A 1 6 ? -11.959 5.804  -0.571  1.00 11.16 ? 6   DG  A "C1'" 1 
ATOM   110 N  N9    . DG  A 1 6 ? -11.393 6.334  0.650   1.00 12.10 ? 6   DG  A N9    1 
ATOM   111 C  C8    . DG  A 1 6 ? -10.983 7.625  0.932   1.00 11.99 ? 6   DG  A C8    1 
ATOM   112 N  N7    . DG  A 1 6 ? -10.431 7.737  2.110   1.00 12.41 ? 6   DG  A N7    1 
ATOM   113 C  C5    . DG  A 1 6 ? -10.451 6.461  2.628   1.00 11.18 ? 6   DG  A C5    1 
ATOM   114 C  C6    . DG  A 1 6 ? -9.947  5.979  3.853   1.00 11.49 ? 6   DG  A C6    1 
ATOM   115 O  O6    . DG  A 1 6 ? -9.386  6.638  4.747   1.00 12.32 ? 6   DG  A O6    1 
ATOM   116 N  N1    . DG  A 1 6 ? -10.127 4.600  4.010   1.00 10.81 ? 6   DG  A N1    1 
ATOM   117 C  C2    . DG  A 1 6 ? -10.753 3.811  3.060   1.00 10.42 ? 6   DG  A C2    1 
ATOM   118 N  N2    . DG  A 1 6 ? -10.895 2.523  3.365   1.00 10.44 ? 6   DG  A N2    1 
ATOM   119 N  N3    . DG  A 1 6 ? -11.216 4.249  1.887   1.00 10.69 ? 6   DG  A N3    1 
ATOM   120 C  C4    . DG  A 1 6 ? -11.032 5.581  1.733   1.00 10.63 ? 6   DG  A C4    1 
ATOM   121 O  "O5'" . DC  B 1 1 ? -6.687  0.635  11.041  1.00 19.75 ? 1   DC  B "O5'" 1 
ATOM   122 C  "C5'" . DC  B 1 1 ? -7.641  -0.402 11.348  1.00 16.03 ? 1   DC  B "C5'" 1 
ATOM   123 C  "C4'" . DC  B 1 1 ? -8.549  -0.697 10.162  1.00 14.57 ? 1   DC  B "C4'" 1 
ATOM   124 O  "O4'" . DC  B 1 1 ? -9.309  0.486  9.867   1.00 14.39 ? 1   DC  B "O4'" 1 
ATOM   125 C  "C3'" . DC  B 1 1 ? -7.856  -1.007 8.842   1.00 13.29 ? 1   DC  B "C3'" 1 
ATOM   126 O  "O3'" . DC  B 1 1 ? -7.635  -2.386 8.787   1.00 15.76 ? 1   DC  B "O3'" 1 
ATOM   127 C  "C2'" . DC  B 1 1 ? -8.887  -0.629 7.800   1.00 13.87 ? 1   DC  B "C2'" 1 
ATOM   128 C  "C1'" . DC  B 1 1 ? -9.477  0.595  8.450   1.00 13.50 ? 1   DC  B "C1'" 1 
ATOM   129 N  N1    . DC  B 1 1 ? -8.938  1.916  8.022   1.00 12.29 ? 1   DC  B N1    1 
ATOM   130 C  C2    . DC  B 1 1 ? -9.385  2.442  6.804   1.00 10.89 ? 1   DC  B C2    1 
ATOM   131 O  O2    . DC  B 1 1 ? -10.126 1.756  6.105   1.00 12.13 ? 1   DC  B O2    1 
ATOM   132 N  N3    . DC  B 1 1 ? -8.969  3.686  6.430   1.00 11.18 ? 1   DC  B N3    1 
ATOM   133 C  C4    . DC  B 1 1 ? -8.152  4.365  7.241   1.00 11.34 ? 1   DC  B C4    1 
ATOM   134 N  N4    . DC  B 1 1 ? -7.756  5.572  6.846   1.00 12.05 ? 1   DC  B N4    1 
ATOM   135 C  C5    . DC  B 1 1 ? -7.663  3.836  8.471   1.00 12.57 ? 1   DC  B C5    1 
ATOM   136 C  C6    . DC  B 1 1 ? -8.108  2.629  8.831   1.00 12.61 ? 1   DC  B C6    1 
ATOM   137 P  P     . DG  B 1 2 ? -6.208  -2.942 8.381   1.00 17.57 ? 2   DG  B P     1 
ATOM   138 O  OP1   . DG  B 1 2 ? -6.265  -4.392 8.719   1.00 21.22 ? 2   DG  B OP1   1 
ATOM   139 O  OP2   . DG  B 1 2 ? -5.145  -2.087 8.945   1.00 19.65 ? 2   DG  B OP2   1 
ATOM   140 O  "O5'" . DG  B 1 2 ? -6.143  -2.823 6.799   1.00 16.68 ? 2   DG  B "O5'" 1 
ATOM   141 C  "C5'" . DG  B 1 2 ? -7.054  -3.554 5.969   1.00 14.70 ? 2   DG  B "C5'" 1 
ATOM   142 C  "C4'" . DG  B 1 2 ? -6.364  -3.868 4.656   1.00 13.40 ? 2   DG  B "C4'" 1 
ATOM   143 O  "O4'" . DG  B 1 2 ? -5.878  -2.641 4.071   1.00 12.35 ? 2   DG  B "O4'" 1 
ATOM   144 C  "C3'" . DG  B 1 2 ? -5.134  -4.756 4.724   1.00 14.90 ? 2   DG  B "C3'" 1 
ATOM   145 O  "O3'" . DG  B 1 2 ? -5.055  -5.412 3.489   1.00 14.65 ? 2   DG  B "O3'" 1 
ATOM   146 C  "C2'" . DG  B 1 2 ? -3.963  -3.783 4.758   1.00 14.02 ? 2   DG  B "C2'" 1 
ATOM   147 C  "C1'" . DG  B 1 2 ? -4.469  -2.701 3.816   1.00 12.35 ? 2   DG  B "C1'" 1 
ATOM   148 N  N9    . DG  B 1 2 ? -3.934  -1.370 4.063   1.00 11.93 ? 2   DG  B N9    1 
ATOM   149 C  C8    . DG  B 1 2 ? -3.236  -0.924 5.176   1.00 13.65 ? 2   DG  B C8    1 
ATOM   150 N  N7    . DG  B 1 2 ? -2.923  0.341  5.092   1.00 13.12 ? 2   DG  B N7    1 
ATOM   151 C  C5    . DG  B 1 2 ? -3.438  0.741  3.869   1.00 11.65 ? 2   DG  B C5    1 
ATOM   152 C  C6    . DG  B 1 2 ? -3.421  2.001  3.244   1.00 11.98 ? 2   DG  B C6    1 
ATOM   153 O  O6    . DG  B 1 2 ? -2.937  3.054  3.665   1.00 12.34 ? 2   DG  B O6    1 
ATOM   154 N  N1    . DG  B 1 2 ? -4.045  1.997  2.003   1.00 11.22 ? 2   DG  B N1    1 
ATOM   155 C  C2    . DG  B 1 2 ? -4.625  0.870  1.446   1.00 11.07 ? 2   DG  B C2    1 
ATOM   156 N  N2    . DG  B 1 2 ? -5.193  1.016  0.245   1.00 11.43 ? 2   DG  B N2    1 
ATOM   157 N  N3    . DG  B 1 2 ? -4.667  -0.315 2.038   1.00 11.21 ? 2   DG  B N3    1 
ATOM   158 C  C4    . DG  B 1 2 ? -4.049  -0.309 3.226   1.00 12.63 ? 2   DG  B C4    1 
ATOM   159 P  P     . DA  B 1 3 ? -5.194  -6.992 3.346   1.00 14.53 ? 3   DA  B P     1 
ATOM   160 O  OP1   . DA  B 1 3 ? -6.497  -7.480 3.874   1.00 18.79 ? 3   DA  B OP1   1 
ATOM   161 O  OP2   . DA  B 1 3 ? -3.932  -7.546 3.839   1.00 19.56 ? 3   DA  B OP2   1 
ATOM   162 O  "O5'" . DA  B 1 3 ? -5.120  -7.154 1.780   1.00 13.52 ? 3   DA  B "O5'" 1 
ATOM   163 C  "C5'" . DA  B 1 3 ? -6.196  -6.668 1.015   1.00 11.75 ? 3   DA  B "C5'" 1 
ATOM   164 C  "C4'" . DA  B 1 3 ? -5.660  -6.163 -0.295  1.00 11.37 ? 3   DA  B "C4'" 1 
ATOM   165 O  "O4'" . DA  B 1 3 ? -4.986  -4.887 -0.104  1.00 11.26 ? 3   DA  B "O4'" 1 
ATOM   166 C  "C3'" . DA  B 1 3 ? -4.671  -7.077 -1.007  1.00 11.20 ? 3   DA  B "C3'" 1 
ATOM   167 O  "O3'" . DA  B 1 3 ? -5.078  -7.069 -2.371  1.00 12.09 ? 3   DA  B "O3'" 1 
ATOM   168 C  "C2'" . DA  B 1 3 ? -3.320  -6.394 -0.803  1.00 11.24 ? 3   DA  B "C2'" 1 
ATOM   169 C  "C1'" . DA  B 1 3 ? -3.645  -4.922 -0.661  1.00 10.95 ? 3   DA  B "C1'" 1 
ATOM   170 N  N9    . DA  B 1 3 ? -2.828  -4.192 0.308   1.00 10.51 ? 3   DA  B N9    1 
ATOM   171 C  C8    . DA  B 1 3 ? -2.384  -4.635 1.522   1.00 11.40 ? 3   DA  B C8    1 
ATOM   172 N  N7    . DA  B 1 3 ? -1.758  -3.714 2.202   1.00 10.85 ? 3   DA  B N7    1 
ATOM   173 C  C5    . DA  B 1 3 ? -1.792  -2.584 1.395   1.00 10.35 ? 3   DA  B C5    1 
ATOM   174 C  C6    . DA  B 1 3 ? -1.308  -1.270 1.567   1.00 10.81 ? 3   DA  B C6    1 
ATOM   175 N  N6    . DA  B 1 3 ? -0.685  -0.870 2.692   1.00 11.56 ? 3   DA  B N6    1 
ATOM   176 N  N1    . DA  B 1 3 ? -1.538  -0.406 0.561   1.00 10.30 ? 3   DA  B N1    1 
ATOM   177 C  C2    . DA  B 1 3 ? -2.184  -0.821 -0.532  1.00 10.12 ? 3   DA  B C2    1 
ATOM   178 N  N3    . DA  B 1 3 ? -2.670  -2.037 -0.799  1.00 10.01 ? 3   DA  B N3    1 
ATOM   179 C  C4    . DA  B 1 3 ? -2.452  -2.860 0.224   1.00 9.14  ? 3   DA  B C4    1 
ATOM   180 P  P     . DT  B 1 4 ? -4.312  -7.877 -3.519  1.00 13.80 ? 4   DT  B P     1 
ATOM   181 O  OP1   . DT  B 1 4 ? -5.356  -8.219 -4.519  1.00 16.47 ? 4   DT  B OP1   1 
ATOM   182 O  OP2   . DT  B 1 4 ? -3.473  -8.937 -2.930  1.00 16.04 ? 4   DT  B OP2   1 
ATOM   183 O  "O5'" . DT  B 1 4 ? -3.345  -6.782 -4.147  1.00 13.04 ? 4   DT  B "O5'" 1 
ATOM   184 C  "C5'" . DT  B 1 4 ? -3.923  -5.697 -4.877  1.00 13.52 ? 4   DT  B "C5'" 1 
ATOM   185 C  "C4'" . DT  B 1 4 ? -2.898  -4.635 -5.233  1.00 14.59 ? 4   DT  B "C4'" 1 
ATOM   186 O  "O4'" . DT  B 1 4 ? -2.416  -4.041 -4.020  1.00 14.51 ? 4   DT  B "O4'" 1 
ATOM   187 C  "C3'" . DT  B 1 4 ? -1.653  -5.170 -5.913  1.00 16.69 ? 4   DT  B "C3'" 1 
ATOM   188 O  "O3'" . DT  B 1 4 ? -1.884  -5.125 -7.314  1.00 19.13 ? 4   DT  B "O3'" 1 
ATOM   189 C  "C2'" . DT  B 1 4 ? -0.517  -4.245 -5.472  1.00 16.32 ? 4   DT  B "C2'" 1 
ATOM   190 C  "C1'" . DT  B 1 4 ? -1.124  -3.478 -4.312  1.00 14.56 ? 4   DT  B "C1'" 1 
ATOM   191 N  N1    . DT  B 1 4 ? -0.402  -3.517 -3.029  1.00 13.16 ? 4   DT  B N1    1 
ATOM   192 C  C2    . DT  B 1 4 ? 0.140   -2.334 -2.554  1.00 11.77 ? 4   DT  B C2    1 
ATOM   193 O  O2    . DT  B 1 4 ? 0.091   -1.287 -3.165  1.00 12.51 ? 4   DT  B O2    1 
ATOM   194 N  N3    . DT  B 1 4 ? 0.727   -2.433 -1.338  1.00 11.24 ? 4   DT  B N3    1 
ATOM   195 C  C4    . DT  B 1 4 ? 0.843   -3.578 -0.569  1.00 12.68 ? 4   DT  B C4    1 
ATOM   196 O  O4    . DT  B 1 4 ? 1.347   -3.536 0.531   1.00 12.80 ? 4   DT  B O4    1 
ATOM   197 C  C5    . DT  B 1 4 ? 0.287   -4.799 -1.109  1.00 13.03 ? 4   DT  B C5    1 
ATOM   198 C  C7    . DT  B 1 4 ? 0.364   -6.097 -0.331  1.00 15.02 ? 4   DT  B C7    1 
ATOM   199 C  C6    . DT  B 1 4 ? -0.304  -4.707 -2.304  1.00 13.32 ? 4   DT  B C6    1 
ATOM   200 P  P     . DC  B 1 5 ? -1.050  -6.060 -8.304  1.00 19.80 ? 5   DC  B P     1 
ATOM   201 O  OP1   . DC  B 1 5 ? -1.849  -6.206 -9.542  1.00 23.29 ? 5   DC  B OP1   1 
ATOM   202 O  OP2   . DC  B 1 5 ? -0.563  -7.244 -7.573  1.00 20.67 ? 5   DC  B OP2   1 
ATOM   203 O  "O5'" . DC  B 1 5 ? 0.254   -5.214 -8.654  1.00 16.13 ? 5   DC  B "O5'" 1 
ATOM   204 C  "C5'" . DC  B 1 5 ? 0.155   -3.964 -9.303  1.00 16.78 ? 5   DC  B "C5'" 1 
ATOM   205 C  "C4'" . DC  B 1 5 ? 1.516   -3.314 -9.186  1.00 15.77 ? 5   DC  B "C4'" 1 
ATOM   206 O  "O4'" . DC  B 1 5 ? 1.804   -3.182 -7.774  1.00 14.37 ? 5   DC  B "O4'" 1 
ATOM   207 C  "C3'" . DC  B 1 5 ? 2.651   -4.110 -9.816  1.00 16.46 ? 5   DC  B "C3'" 1 
ATOM   208 O  "O3'" . DC  B 1 5 ? 3.348   -3.226 -10.688 1.00 16.20 ? 5   DC  B "O3'" 1 
ATOM   209 C  "C2'" . DC  B 1 5 ? 3.520   -4.564 -8.650  1.00 15.32 ? 5   DC  B "C2'" 1 
ATOM   210 C  "C1'" . DC  B 1 5 ? 3.103   -3.632 -7.503  1.00 13.86 ? 5   DC  B "C1'" 1 
ATOM   211 N  N1    . DC  B 1 5 ? 3.107   -4.279 -6.172  1.00 13.46 ? 5   DC  B N1    1 
ATOM   212 C  C2    . DC  B 1 5 ? 3.493   -3.519 -5.061  1.00 13.11 ? 5   DC  B C2    1 
ATOM   213 O  O2    . DC  B 1 5 ? 3.812   -2.333 -5.197  1.00 13.76 ? 5   DC  B O2    1 
ATOM   214 N  N3    . DC  B 1 5 ? 3.512   -4.114 -3.847  1.00 12.11 ? 5   DC  B N3    1 
ATOM   215 C  C4    . DC  B 1 5 ? 3.159   -5.399 -3.740  1.00 12.58 ? 5   DC  B C4    1 
ATOM   216 N  N4    . DC  B 1 5 ? 3.209   -5.974 -2.542  1.00 13.40 ? 5   DC  B N4    1 
ATOM   217 C  C5    . DC  B 1 5 ? 2.752   -6.177 -4.852  1.00 15.14 ? 5   DC  B C5    1 
ATOM   218 C  C6    . DC  B 1 5 ? 2.742   -5.591 -6.052  1.00 15.12 ? 5   DC  B C6    1 
ATOM   219 P  P     . DG  B 1 6 ? 4.483   -3.728 -11.684 1.00 16.97 ? 6   DG  B P     1 
ATOM   220 O  OP1   . DG  B 1 6 ? 4.508   -2.790 -12.852 1.00 18.87 ? 6   DG  B OP1   1 
ATOM   221 O  OP2   . DG  B 1 6 ? 4.307   -5.168 -11.911 1.00 17.96 ? 6   DG  B OP2   1 
ATOM   222 O  "O5'" . DG  B 1 6 ? 5.840   -3.640 -10.844 1.00 15.05 ? 6   DG  B "O5'" 1 
ATOM   223 C  "C5'" . DG  B 1 6 ? 6.378   -2.345 -10.592 1.00 15.25 ? 6   DG  B "C5'" 1 
ATOM   224 C  "C4'" . DG  B 1 6 ? 7.855   -2.442 -10.340 1.00 12.45 ? 6   DG  B "C4'" 1 
ATOM   225 O  "O4'" . DG  B 1 6 ? 8.108   -3.164 -9.126  1.00 12.44 ? 6   DG  B "O4'" 1 
ATOM   226 C  "C3'" . DG  B 1 6 ? 8.653   -3.175 -11.406 1.00 13.02 ? 6   DG  B "C3'" 1 
ATOM   227 O  "O3'" . DG  B 1 6 ? 9.114   -2.256 -12.406 1.00 15.05 ? 6   DG  B "O3'" 1 
ATOM   228 C  "C2'" . DG  B 1 6 ? 9.784   -3.861 -10.631 1.00 13.17 ? 6   DG  B "C2'" 1 
ATOM   229 C  "C1'" . DG  B 1 6 ? 9.498   -3.520 -9.171  1.00 11.54 ? 6   DG  B "C1'" 1 
ATOM   230 N  N9    . DG  B 1 6 ? 9.528   -4.633 -8.258  1.00 11.78 ? 6   DG  B N9    1 
ATOM   231 C  C8    . DG  B 1 6 ? 9.127   -5.934 -8.495  1.00 11.71 ? 6   DG  B C8    1 
ATOM   232 N  N7    . DG  B 1 6 ? 9.190   -6.686 -7.428  1.00 11.79 ? 6   DG  B N7    1 
ATOM   233 C  C5    . DG  B 1 6 ? 9.635   -5.841 -6.431  1.00 10.62 ? 6   DG  B C5    1 
ATOM   234 C  C6    . DG  B 1 6 ? 9.851   -6.101 -5.065  1.00 11.45 ? 6   DG  B C6    1 
ATOM   235 O  O6    . DG  B 1 6 ? 9.690   -7.174 -4.461  1.00 12.22 ? 6   DG  B O6    1 
ATOM   236 N  N1    . DG  B 1 6 ? 10.272  -4.973 -4.365  1.00 10.93 ? 6   DG  B N1    1 
ATOM   237 C  C2    . DG  B 1 6 ? 10.473  -3.736 -4.956  1.00 10.17 ? 6   DG  B C2    1 
ATOM   238 N  N2    . DG  B 1 6 ? 10.913  -2.743 -4.182  1.00 10.61 ? 6   DG  B N2    1 
ATOM   239 N  N3    . DG  B 1 6 ? 10.255  -3.467 -6.243  1.00 10.27 ? 6   DG  B N3    1 
ATOM   240 C  C4    . DG  B 1 6 ? 9.834   -4.566 -6.929  1.00 10.45 ? 6   DG  B C4    1 
HETATM 241 C  C1    . PRL C 2 . ? 8.153   -2.377 -0.670  1.00 15.99 ? 21  PRL A C1    1 
HETATM 242 C  C2    . PRL C 2 . ? 8.256   -2.815 0.656   1.00 16.73 ? 21  PRL A C2    1 
HETATM 243 C  C3    . PRL C 2 . ? 7.945   -4.145 0.986   1.00 16.40 ? 21  PRL A C3    1 
HETATM 244 C  C4    . PRL C 2 . ? 7.499   -5.030 -0.009  1.00 16.35 ? 21  PRL A C4    1 
HETATM 245 C  C5    . PRL C 2 . ? 6.375   -6.079 -4.553  1.00 16.14 ? 21  PRL A C5    1 
HETATM 246 C  C6    . PRL C 2 . ? 6.260   -5.699 -5.899  1.00 16.78 ? 21  PRL A C6    1 
HETATM 247 C  C7    . PRL C 2 . ? 6.573   -4.380 -6.303  1.00 15.33 ? 21  PRL A C7    1 
HETATM 248 C  C8    . PRL C 2 . ? 6.994   -3.436 -5.370  1.00 17.23 ? 21  PRL A C8    1 
HETATM 249 C  C9    . PRL C 2 . ? 7.582   -2.839 -3.048  1.00 15.19 ? 21  PRL A C9    1 
HETATM 250 N  N10   . PRL C 2 . ? 6.961   -5.471 -2.320  1.00 15.57 ? 21  PRL A N10   1 
HETATM 251 C  C11   . PRL C 2 . ? 7.381   -4.620 -1.346  1.00 15.38 ? 21  PRL A C11   1 
HETATM 252 C  C12   . PRL C 2 . ? 7.137   -3.749 -4.018  1.00 16.19 ? 21  PRL A C12   1 
HETATM 253 C  C13   . PRL C 2 . ? 7.707   -3.223 -1.700  1.00 16.70 ? 21  PRL A C13   1 
HETATM 254 C  C14   . PRL C 2 . ? 6.808   -5.142 -3.612  1.00 15.65 ? 21  PRL A C14   1 
HETATM 255 N  N15   . PRL C 2 . ? 8.056   -4.581 2.266   1.00 17.05 ? 21  PRL A N15   1 
HETATM 256 N  N16   . PRL C 2 . ? 5.843   -6.606 -6.812  1.00 17.09 ? 21  PRL A N16   1 
HETATM 257 CO CO    . NCO D 3 . ? 11.160  6.039  6.077   0.70 13.41 ? 31  NCO A CO    1 
HETATM 258 N  N1    . NCO D 3 . ? 11.402  5.326  4.259   0.70 16.36 ? 31  NCO A N1    1 
HETATM 259 N  N2    . NCO D 3 . ? 9.465   5.020  6.259   0.70 17.84 ? 31  NCO A N2    1 
HETATM 260 N  N3    . NCO D 3 . ? 10.888  6.769  7.905   0.70 15.78 ? 31  NCO A N3    1 
HETATM 261 N  N4    . NCO D 3 . ? 12.842  7.076  5.889   0.70 17.69 ? 31  NCO A N4    1 
HETATM 262 N  N5    . NCO D 3 . ? 12.192  4.554  6.901   0.70 16.38 ? 31  NCO A N5    1 
HETATM 263 N  N6    . NCO D 3 . ? 10.154  7.535  5.274   0.70 16.21 ? 31  NCO A N6    1 
HETATM 264 CO CO    A NCO E 3 . ? 3.512   -5.843 3.883   0.50 19.86 ? 32  NCO A CO    1 
HETATM 265 N  N1    A NCO E 3 . ? 5.148   -4.795 4.302   0.50 20.80 ? 32  NCO A N1    1 
HETATM 266 N  N2    A NCO E 3 . ? 2.689   -4.243 3.089   0.50 20.56 ? 32  NCO A N2    1 
HETATM 267 N  N3    A NCO E 3 . ? 1.891   -6.933 3.527   0.50 20.12 ? 32  NCO A N3    1 
HETATM 268 N  N4    A NCO E 3 . ? 4.355   -7.426 4.715   0.50 21.32 ? 32  NCO A N4    1 
HETATM 269 N  N5    A NCO E 3 . ? 4.313   -6.339 2.133   0.50 21.69 ? 32  NCO A N5    1 
HETATM 270 N  N6    A NCO E 3 . ? 2.745   -5.357 5.641   0.50 22.21 ? 32  NCO A N6    1 
HETATM 271 C  C1    . PRL F 2 . ? -7.982  4.081  1.003   1.00 15.66 ? 22  PRL B C1    1 
HETATM 272 C  C2    . PRL F 2 . ? -7.944  5.396  0.553   1.00 14.23 ? 22  PRL B C2    1 
HETATM 273 C  C3    . PRL F 2 . ? -7.297  6.406  1.302   1.00 14.86 ? 22  PRL B C3    1 
HETATM 274 C  C4    . PRL F 2 . ? -6.691  6.116  2.519   1.00 15.40 ? 22  PRL B C4    1 
HETATM 275 C  C5    . PRL F 2 . ? -5.603  2.893  5.915   1.00 15.81 ? 22  PRL B C5    1 
HETATM 276 C  C6    . PRL F 2 . ? -5.637  1.587  6.441   1.00 15.99 ? 22  PRL B C6    1 
HETATM 277 C  C7    . PRL F 2 . ? -6.253  0.563  5.702   1.00 16.20 ? 22  PRL B C7    1 
HETATM 278 C  C8    . PRL F 2 . ? -6.857  0.837  4.483   1.00 14.91 ? 22  PRL B C8    1 
HETATM 279 C  C9    . PRL F 2 . ? -7.438  2.436  2.705   1.00 15.03 ? 22  PRL B C9    1 
HETATM 280 N  N10   . PRL F 2 . ? -6.172  4.472  4.179   1.00 15.54 ? 22  PRL B N10   1 
HETATM 281 C  C11   . PRL F 2 . ? -6.723  4.810  3.001   1.00 14.90 ? 22  PRL B C11   1 
HETATM 282 C  C12   . PRL F 2 . ? -6.848  2.124  3.930   1.00 16.36 ? 22  PRL B C12   1 
HETATM 283 C  C13   . PRL F 2 . ? -7.395  3.736  2.212   1.00 15.50 ? 22  PRL B C13   1 
HETATM 284 C  C14   . PRL F 2 . ? -6.192  3.210  4.688   1.00 14.70 ? 22  PRL B C14   1 
HETATM 285 N  N15   . PRL F 2 . ? -7.254  7.667  0.847   1.00 15.52 ? 22  PRL B N15   1 
HETATM 286 N  N16   . PRL F 2 . ? -5.056  1.315  7.636   1.00 16.84 ? 22  PRL B N16   1 
HETATM 287 CO CO    A NCO G 3 . ? -0.246  2.432  7.082   0.50 19.01 ? 32  NCO B CO    1 
HETATM 288 N  N1    A NCO G 3 . ? -2.124  2.831  6.565   0.50 19.80 ? 32  NCO B N1    1 
HETATM 289 N  N2    A NCO G 3 . ? -0.877  1.667  8.794   0.50 21.32 ? 32  NCO B N2    1 
HETATM 290 N  N3    A NCO G 3 . ? 1.639   2.070  7.566   0.50 20.19 ? 32  NCO B N3    1 
HETATM 291 N  N4    A NCO G 3 . ? 0.348   3.201  5.358   0.50 21.35 ? 32  NCO B N4    1 
HETATM 292 N  N5    A NCO G 3 . ? -0.346  0.666  6.185   0.50 20.02 ? 32  NCO B N5    1 
HETATM 293 N  N6    A NCO G 3 . ? -0.158  4.217  7.934   0.50 20.18 ? 32  NCO B N6    1 
HETATM 294 O  O     B HOH H 4 . ? 4.392   -4.835 3.201   0.50 10.26 ? 33  HOH A O     1 
HETATM 295 O  O     . HOH H 4 . ? 7.980   -9.552 -0.263  1.00 16.01 ? 101 HOH A O     1 
HETATM 296 O  O     . HOH H 4 . ? 3.715   5.653  4.426   1.00 27.94 ? 104 HOH A O     1 
HETATM 297 O  O     . HOH H 4 . ? -9.277  9.950  3.150   1.00 22.91 ? 106 HOH A O     1 
HETATM 298 O  O     . HOH H 4 . ? 12.360  2.218  4.561   1.00 29.73 ? 107 HOH A O     1 
HETATM 299 O  O     . HOH H 4 . ? 6.119   -8.096 -1.912  1.00 22.87 ? 108 HOH A O     1 
HETATM 300 O  O     . HOH H 4 . ? -8.765  9.579  -1.284  1.00 26.06 ? 111 HOH A O     1 
HETATM 301 O  O     . HOH H 4 . ? -11.436 10.441 -0.517  1.00 27.70 ? 114 HOH A O     1 
HETATM 302 O  O     . HOH H 4 . ? -14.822 7.840  -7.833  1.00 24.74 ? 115 HOH A O     1 
HETATM 303 O  O     . HOH H 4 . ? -12.764 7.519  -6.044  1.00 31.81 ? 117 HOH A O     1 
HETATM 304 O  O     . HOH H 4 . ? 2.945   -0.741 4.709   1.00 32.11 ? 120 HOH A O     1 
HETATM 305 O  O     . HOH H 4 . ? 6.576   -2.209 5.695   1.00 30.90 ? 121 HOH A O     1 
HETATM 306 O  O     . HOH H 4 . ? -10.509 11.242 -4.248  1.00 35.77 ? 122 HOH A O     1 
HETATM 307 O  O     . HOH H 4 . ? -12.405 11.027 -7.834  1.00 35.71 ? 123 HOH A O     1 
HETATM 308 O  O     . HOH H 4 . ? -1.751  7.899  3.352   1.00 28.54 ? 125 HOH A O     1 
HETATM 309 O  O     . HOH H 4 . ? 0.264   8.196  1.391   0.50 22.59 ? 127 HOH A O     1 
HETATM 310 O  O     . HOH H 4 . ? -10.247 12.337 3.438   0.50 21.78 ? 128 HOH A O     1 
HETATM 311 O  O     . HOH H 4 . ? -13.412 10.543 -2.458  0.50 21.47 ? 129 HOH A O     1 
HETATM 312 O  O     . HOH H 4 . ? -10.859 8.451  -7.849  0.50 21.93 ? 132 HOH A O     1 
HETATM 313 O  O     B HOH I 4 . ? -1.393  1.645  6.614   0.50 10.71 ? 33  HOH B O     1 
HETATM 314 O  O     . HOH I 4 . ? -7.911  -7.113 -4.069  1.00 16.27 ? 102 HOH B O     1 
HETATM 315 O  O     . HOH I 4 . ? 8.435   -9.330 -7.151  1.00 22.33 ? 103 HOH B O     1 
HETATM 316 O  O     . HOH I 4 . ? 2.554   -8.715 -2.168  1.00 27.78 ? 105 HOH B O     1 
HETATM 317 O  O     . HOH I 4 . ? 1.400   -1.558 -12.772 1.00 29.16 ? 109 HOH B O     1 
HETATM 318 O  O     . HOH I 4 . ? 5.832   -6.811 -10.050 1.00 25.81 ? 110 HOH B O     1 
HETATM 319 O  O     . HOH I 4 . ? -1.702  -8.066 1.881   1.00 25.56 ? 112 HOH B O     1 
HETATM 320 O  O     . HOH I 4 . ? -4.631  6.396  5.459   1.00 24.48 ? 113 HOH B O     1 
HETATM 321 O  O     . HOH I 4 . ? -8.552  -8.866 2.344   1.00 20.49 ? 116 HOH B O     1 
HETATM 322 O  O     . HOH I 4 . ? 0.120   -2.118 5.091   1.00 32.00 ? 118 HOH B O     1 
HETATM 323 O  O     . HOH I 4 . ? -0.193  -4.639 4.268   1.00 31.58 ? 119 HOH B O     1 
HETATM 324 O  O     . HOH I 4 . ? -9.996  -3.990 11.685  1.00 32.66 ? 124 HOH B O     1 
HETATM 325 O  O     . HOH I 4 . ? -0.622  -8.206 -2.779  0.50 23.01 ? 126 HOH B O     1 
HETATM 326 O  O     . HOH I 4 . ? -8.561  -6.152 8.021   0.50 19.49 ? 130 HOH B O     1 
HETATM 327 O  O     . HOH I 4 . ? -7.272  -5.067 11.369  0.50 21.95 ? 131 HOH B O     1 
HETATM 328 O  O     . HOH I 4 . ? 3.307   2.075  5.443   0.50 22.20 ? 133 HOH B O     1 
HETATM 329 O  O     . HOH I 4 . ? 1.951   -6.274 -13.155 0.25 17.19 ? 134 HOH B O     1 
HETATM 330 O  O     . HOH I 4 . ? -3.782  -8.046 -10.234 0.25 14.27 ? 135 HOH B O     1 
# 
loop_
_atom_site_anisotrop.id 
_atom_site_anisotrop.type_symbol 
_atom_site_anisotrop.pdbx_label_atom_id 
_atom_site_anisotrop.pdbx_label_alt_id 
_atom_site_anisotrop.pdbx_label_comp_id 
_atom_site_anisotrop.pdbx_label_asym_id 
_atom_site_anisotrop.pdbx_label_seq_id 
_atom_site_anisotrop.pdbx_PDB_ins_code 
_atom_site_anisotrop.U[1][1] 
_atom_site_anisotrop.U[2][2] 
_atom_site_anisotrop.U[3][3] 
_atom_site_anisotrop.U[1][2] 
_atom_site_anisotrop.U[1][3] 
_atom_site_anisotrop.U[2][3] 
_atom_site_anisotrop.pdbx_auth_seq_id 
_atom_site_anisotrop.pdbx_auth_comp_id 
_atom_site_anisotrop.pdbx_auth_asym_id 
_atom_site_anisotrop.pdbx_auth_atom_id 
1   O  "O5'" . DC  A 1 ? 0.2887 0.2433 0.2529 -0.0175 0.0063  0.0104  1  DC  A "O5'" 
2   C  "C5'" . DC  A 1 ? 0.2197 0.2203 0.1997 0.0216  -0.0092 0.0079  1  DC  A "C5'" 
3   C  "C4'" . DC  A 1 ? 0.1899 0.1796 0.1795 0.0280  -0.0086 -0.0077 1  DC  A "C4'" 
4   O  "O4'" . DC  A 1 ? 0.1892 0.2027 0.1695 0.0322  -0.0230 -0.0002 1  DC  A "O4'" 
5   C  "C3'" . DC  A 1 ? 0.1783 0.1722 0.1709 0.0199  -0.0087 -0.0119 1  DC  A "C3'" 
6   O  "O3'" . DC  A 1 ? 0.2249 0.1997 0.1915 0.0137  -0.0191 -0.0204 1  DC  A "O3'" 
7   C  "C2'" . DC  A 1 ? 0.2061 0.1875 0.1773 0.0011  -0.0081 0.0126  1  DC  A "C2'" 
8   C  "C1'" . DC  A 1 ? 0.1774 0.1793 0.1539 -0.0035 -0.0154 0.0119  1  DC  A "C1'" 
9   N  N1    . DC  A 1 ? 0.1405 0.1657 0.1412 -0.0031 0.0021  0.0181  1  DC  A N1    
10  C  C2    . DC  A 1 ? 0.1337 0.1567 0.1359 -0.0105 0.0072  0.0239  1  DC  A C2    
11  O  O2    . DC  A 1 ? 0.1568 0.1594 0.1470 -0.0255 -0.0006 0.0093  1  DC  A O2    
12  N  N3    . DC  A 1 ? 0.1403 0.1359 0.1515 0.0004  0.0064  0.0125  1  DC  A N3    
13  C  C4    . DC  A 1 ? 0.1486 0.1397 0.1415 0.0036  0.0076  0.0332  1  DC  A C4    
14  N  N4    . DC  A 1 ? 0.1697 0.1380 0.1481 -0.0079 0.0068  0.0259  1  DC  A N4    
15  C  C5    . DC  A 1 ? 0.1594 0.1595 0.1377 -0.0030 0.0119  0.0232  1  DC  A C5    
16  C  C6    . DC  A 1 ? 0.1660 0.1542 0.1425 0.0083  0.0037  0.0286  1  DC  A C6    
17  P  P     . DG  A 2 ? 0.2609 0.2361 0.1781 0.0426  0.0059  0.0105  2  DG  A P     
18  O  OP1   . DG  A 2 ? 0.3068 0.2652 0.2468 0.0267  -0.0011 -0.0253 2  DG  A OP1   
19  O  OP2   . DG  A 2 ? 0.2781 0.2556 0.2275 0.0204  0.0282  0.0204  2  DG  A OP2   
20  O  "O5'" . DG  A 2 ? 0.2018 0.1999 0.2145 0.0198  -0.0008 0.0346  2  DG  A "O5'" 
21  C  "C5'" . DG  A 2 ? 0.1810 0.1714 0.2083 -0.0033 0.0068  0.0298  2  DG  A "C5'" 
22  C  "C4'" . DG  A 2 ? 0.1802 0.1723 0.1792 0.0047  -0.0115 0.0141  2  DG  A "C4'" 
23  O  "O4'" . DG  A 2 ? 0.1570 0.1566 0.1694 0.0117  -0.0112 0.0011  2  DG  A "O4'" 
24  C  "C3'" . DG  A 2 ? 0.2025 0.1829 0.1747 0.0170  -0.0195 0.0095  2  DG  A "C3'" 
25  O  "O3'" . DG  A 2 ? 0.2255 0.1708 0.1739 0.0257  -0.0267 -0.0075 2  DG  A "O3'" 
26  C  "C2'" . DG  A 2 ? 0.1825 0.1802 0.1500 0.0196  0.0012  0.0137  2  DG  A "C2'" 
27  C  "C1'" . DG  A 2 ? 0.1482 0.1662 0.1542 0.0114  0.0062  0.0031  2  DG  A "C1'" 
28  N  N9    . DG  A 2 ? 0.1440 0.1601 0.1437 0.0135  0.0132  0.0255  2  DG  A N9    
29  C  C8    . DG  A 2 ? 0.1539 0.1683 0.1609 0.0085  0.0118  0.0222  2  DG  A C8    
30  N  N7    . DG  A 2 ? 0.1604 0.1731 0.1576 0.0166  0.0059  0.0258  2  DG  A N7    
31  C  C5    . DG  A 2 ? 0.1289 0.1633 0.1467 0.0074  0.0066  0.0250  2  DG  A C5    
32  C  C6    . DG  A 2 ? 0.1336 0.1537 0.1641 0.0111  0.0013  0.0175  2  DG  A C6    
33  O  O6    . DG  A 2 ? 0.1377 0.1611 0.1761 0.0028  0.0082  0.0277  2  DG  A O6    
34  N  N1    . DG  A 2 ? 0.1118 0.1534 0.1595 0.0026  0.0146  0.0179  2  DG  A N1    
35  C  C2    . DG  A 2 ? 0.1154 0.1488 0.1510 -0.0029 0.0146  0.0101  2  DG  A C2    
36  N  N2    . DG  A 2 ? 0.1303 0.1508 0.1537 -0.0051 0.0065  0.0220  2  DG  A N2    
37  N  N3    . DG  A 2 ? 0.1213 0.1589 0.1475 0.0161  -0.0004 0.0178  2  DG  A N3    
38  C  C4    . DG  A 2 ? 0.1240 0.1556 0.1649 0.0110  0.0129  0.0134  2  DG  A C4    
39  P  P     . DA  A 3 ? 0.2168 0.1730 0.1553 0.0126  -0.0073 -0.0175 3  DA  A P     
40  O  OP1   . DA  A 3 ? 0.2323 0.2368 0.2284 -0.0041 -0.0325 0.0137  3  DA  A OP1   
41  O  OP2   . DA  A 3 ? 0.2553 0.2859 0.1970 0.0245  0.0000  0.0117  3  DA  A OP2   
42  O  "O5'" . DA  A 3 ? 0.1800 0.1683 0.1751 0.0333  -0.0015 -0.0315 3  DA  A "O5'" 
43  C  "C5'" . DA  A 3 ? 0.1394 0.1546 0.1543 0.0026  -0.0064 -0.0079 3  DA  A "C5'" 
44  C  "C4'" . DA  A 3 ? 0.1271 0.1177 0.1807 -0.0006 -0.0076 -0.0104 3  DA  A "C4'" 
45  O  "O4'" . DA  A 3 ? 0.1271 0.1057 0.1874 -0.0216 0.0236  -0.0216 3  DA  A "O4'" 
46  C  "C3'" . DA  A 3 ? 0.1157 0.1363 0.1721 -0.0115 0.0128  0.0082  3  DA  A "C3'" 
47  O  "O3'" . DA  A 3 ? 0.1316 0.1331 0.1991 -0.0257 0.0027  0.0138  3  DA  A "O3'" 
48  C  "C2'" . DA  A 3 ? 0.1311 0.1213 0.1572 -0.0246 0.0098  -0.0091 3  DA  A "C2'" 
49  C  "C1'" . DA  A 3 ? 0.1265 0.1182 0.1728 -0.0126 0.0222  0.0087  3  DA  A "C1'" 
50  N  N9    . DA  A 3 ? 0.1302 0.1205 0.1575 -0.0112 0.0209  0.0062  3  DA  A N9    
51  C  C8    . DA  A 3 ? 0.1295 0.1498 0.1695 -0.0062 0.0152  0.0133  3  DA  A C8    
52  N  N7    . DA  A 3 ? 0.1312 0.1469 0.1503 -0.0136 0.0207  0.0160  3  DA  A N7    
53  C  C5    . DA  A 3 ? 0.1097 0.1243 0.1572 -0.0092 0.0245  0.0080  3  DA  A C5    
54  C  C6    . DA  A 3 ? 0.1103 0.1178 0.1720 0.0001  0.0263  0.0208  3  DA  A C6    
55  N  N6    . DA  A 3 ? 0.1231 0.1408 0.1758 0.0043  0.0271  0.0380  3  DA  A N6    
56  N  N1    . DA  A 3 ? 0.1094 0.1230 0.1638 -0.0196 0.0278  0.0196  3  DA  A N1    
57  C  C2    . DA  A 3 ? 0.1036 0.1280 0.1578 -0.0246 0.0242  0.0209  3  DA  A C2    
58  N  N3    . DA  A 3 ? 0.0991 0.1116 0.1639 -0.0321 0.0193  0.0183  3  DA  A N3    
59  C  C4    . DA  A 3 ? 0.1103 0.1113 0.1356 -0.0087 0.0291  0.0133  3  DA  A C4    
60  P  P     . DT  A 4 ? 0.1393 0.1210 0.2627 -0.0259 -0.0097 0.0127  4  DT  A P     
61  O  OP1   . DT  A 4 ? 0.1768 0.1571 0.2677 -0.0263 -0.0061 0.0324  4  DT  A OP1   
62  O  OP2   . DT  A 4 ? 0.1845 0.1604 0.2553 -0.0011 -0.0216 -0.0209 4  DT  A OP2   
63  O  "O5'" . DT  A 4 ? 0.1403 0.1280 0.2311 -0.0369 0.0024  0.0106  4  DT  A "O5'" 
64  C  "C5'" . DT  A 4 ? 0.1415 0.1695 0.2049 -0.0397 0.0146  0.0280  4  DT  A "C5'" 
65  C  "C4'" . DT  A 4 ? 0.1485 0.1803 0.2476 -0.0345 0.0219  0.0177  4  DT  A "C4'" 
66  O  "O4'" . DT  A 4 ? 0.1295 0.1518 0.2735 -0.0313 0.0048  0.0089  4  DT  A "O4'" 
67  C  "C3'" . DT  A 4 ? 0.1626 0.1854 0.2692 -0.0266 0.0143  0.0253  4  DT  A "C3'" 
68  O  "O3'" . DT  A 4 ? 0.1891 0.2291 0.2960 -0.0226 0.0103  0.0319  4  DT  A "O3'" 
69  C  "C2'" . DT  A 4 ? 0.1628 0.1878 0.2760 -0.0245 0.0179  0.0258  4  DT  A "C2'" 
70  C  "C1'" . DT  A 4 ? 0.1262 0.1868 0.2370 -0.0337 0.0056  -0.0087 4  DT  A "C1'" 
71  N  N1    . DT  A 4 ? 0.1155 0.1591 0.2261 -0.0248 0.0050  -0.0178 4  DT  A N1    
72  C  C2    . DT  A 4 ? 0.0993 0.1408 0.2059 -0.0204 0.0097  -0.0155 4  DT  A C2    
73  O  O2    . DT  A 4 ? 0.1199 0.1612 0.2021 -0.0245 -0.0025 -0.0151 4  DT  A O2    
74  N  N3    . DT  A 4 ? 0.0944 0.1555 0.1682 -0.0292 0.0056  -0.0407 4  DT  A N3    
75  C  C4    . DT  A 4 ? 0.1175 0.1579 0.1957 -0.0245 0.0214  -0.0434 4  DT  A C4    
76  O  O4    . DT  A 4 ? 0.1181 0.1882 0.1956 -0.0328 0.0122  -0.0413 4  DT  A O4    
77  C  C5    . DT  A 4 ? 0.1196 0.1561 0.2161 -0.0222 0.0145  -0.0482 4  DT  A C5    
78  C  C7    . DT  A 4 ? 0.1582 0.1818 0.2224 -0.0220 0.0061  -0.0476 4  DT  A C7    
79  C  C6    . DT  A 4 ? 0.1140 0.1665 0.2303 -0.0148 0.0028  -0.0311 4  DT  A C6    
80  P  P     . DC  A 5 ? 0.2067 0.2133 0.3429 -0.0130 -0.0201 0.0596  5  DC  A P     
81  O  OP1   . DC  A 5 ? 0.2921 0.2849 0.3229 -0.0189 -0.0098 0.0419  5  DC  A OP1   
82  O  OP2   . DC  A 5 ? 0.2255 0.2350 0.3402 -0.0037 -0.0055 0.0179  5  DC  A OP2   
83  O  "O5'" . DC  A 5 ? 0.1616 0.1959 0.2718 -0.0175 -0.0138 0.0309  5  DC  A "O5'" 
84  C  "C5'" . DC  A 5 ? 0.1938 0.2093 0.2233 -0.0152 0.0092  0.0288  5  DC  A "C5'" 
85  C  "C4'" . DC  A 5 ? 0.1845 0.1877 0.2101 -0.0130 -0.0051 0.0235  5  DC  A "C4'" 
86  O  "O4'" . DC  A 5 ? 0.1828 0.1764 0.2002 -0.0061 0.0062  0.0207  5  DC  A "O4'" 
87  C  "C3'" . DC  A 5 ? 0.1946 0.2053 0.2085 -0.0170 -0.0070 0.0177  5  DC  A "C3'" 
88  O  "O3'" . DC  A 5 ? 0.2060 0.2237 0.1952 -0.0172 -0.0131 0.0153  5  DC  A "O3'" 
89  C  "C2'" . DC  A 5 ? 0.1914 0.2076 0.2024 0.0140  -0.0071 0.0099  5  DC  A "C2'" 
90  C  "C1'" . DC  A 5 ? 0.1771 0.1813 0.1764 -0.0081 -0.0078 0.0114  5  DC  A "C1'" 
91  N  N1    . DC  A 5 ? 0.1508 0.1883 0.1792 -0.0051 -0.0073 -0.0014 5  DC  A N1    
92  C  C2    . DC  A 5 ? 0.1482 0.1711 0.1703 -0.0173 0.0055  -0.0058 5  DC  A C2    
93  O  O2    . DC  A 5 ? 0.1924 0.1812 0.1651 -0.0199 0.0096  -0.0070 5  DC  A O2    
94  N  N3    . DC  A 5 ? 0.1443 0.1569 0.1674 -0.0099 0.0087  -0.0013 5  DC  A N3    
95  C  C4    . DC  A 5 ? 0.1341 0.1680 0.1773 -0.0115 0.0034  -0.0069 5  DC  A C4    
96  N  N4    . DC  A 5 ? 0.1447 0.1980 0.1719 -0.0031 0.0043  -0.0206 5  DC  A N4    
97  C  C5    . DC  A 5 ? 0.1899 0.1987 0.2009 -0.0082 -0.0216 -0.0043 5  DC  A C5    
98  C  C6    . DC  A 5 ? 0.1715 0.1929 0.1881 -0.0146 -0.0195 0.0102  5  DC  A C6    
99  P  P     . DG  A 6 ? 0.1932 0.2473 0.1923 -0.0099 -0.0526 0.0387  6  DG  A P     
100 O  OP1   . DG  A 6 ? 0.2318 0.2685 0.2068 -0.0054 -0.0590 0.0110  6  DG  A OP1   
101 O  OP2   . DG  A 6 ? 0.1995 0.2420 0.2435 0.0056  -0.0191 0.0083  6  DG  A OP2   
102 O  "O5'" . DG  A 6 ? 0.1860 0.2092 0.1945 -0.0210 -0.0333 0.0159  6  DG  A "O5'" 
103 C  "C5'" . DG  A 6 ? 0.1891 0.2134 0.1782 -0.0165 -0.0376 -0.0020 6  DG  A "C5'" 
104 C  "C4'" . DG  A 6 ? 0.1621 0.1881 0.1578 -0.0059 -0.0411 -0.0051 6  DG  A "C4'" 
105 O  "O4'" . DG  A 6 ? 0.1452 0.1629 0.1578 -0.0157 -0.0472 -0.0059 6  DG  A "O4'" 
106 C  "C3'" . DG  A 6 ? 0.1418 0.1831 0.1824 -0.0118 -0.0468 0.0103  6  DG  A "C3'" 
107 O  "O3'" . DG  A 6 ? 0.1523 0.2368 0.1918 -0.0021 -0.0608 0.0225  6  DG  A "O3'" 
108 C  "C2'" . DG  A 6 ? 0.1541 0.1627 0.1973 0.0122  -0.0339 0.0182  6  DG  A "C2'" 
109 C  "C1'" . DG  A 6 ? 0.1240 0.1484 0.1516 -0.0063 -0.0277 0.0103  6  DG  A "C1'" 
110 N  N9    . DG  A 6 ? 0.1421 0.1486 0.1690 -0.0001 -0.0306 0.0043  6  DG  A N9    
111 C  C8    . DG  A 6 ? 0.1382 0.1451 0.1719 -0.0025 -0.0262 0.0043  6  DG  A C8    
112 N  N7    . DG  A 6 ? 0.1361 0.1652 0.1700 -0.0087 -0.0186 0.0092  6  DG  A N7    
113 C  C5    . DG  A 6 ? 0.1228 0.1484 0.1536 -0.0089 -0.0166 -0.0074 6  DG  A C5    
114 C  C6    . DG  A 6 ? 0.1281 0.1593 0.1491 -0.0042 -0.0187 -0.0085 6  DG  A C6    
115 O  O6    . DG  A 6 ? 0.1564 0.1552 0.1564 -0.0117 -0.0296 0.0001  6  DG  A O6    
116 N  N1    . DG  A 6 ? 0.1168 0.1549 0.1389 -0.0025 -0.0237 0.0050  6  DG  A N1    
117 C  C2    . DG  A 6 ? 0.1113 0.1492 0.1351 0.0036  -0.0251 -0.0034 6  DG  A C2    
118 N  N2    . DG  A 6 ? 0.1094 0.1493 0.1378 0.0059  -0.0259 0.0027  6  DG  A N2    
119 N  N3    . DG  A 6 ? 0.1217 0.1485 0.1359 -0.0099 -0.0336 0.0014  6  DG  A N3    
120 C  C4    . DG  A 6 ? 0.1158 0.1393 0.1486 -0.0112 -0.0313 -0.0054 6  DG  A C4    
121 O  "O5'" . DC  B 1 ? 0.2579 0.2529 0.2397 -0.0170 -0.0396 -0.0022 1  DC  B "O5'" 
122 C  "C5'" . DC  B 1 ? 0.2147 0.2183 0.1761 0.0045  -0.0027 -0.0032 1  DC  B "C5'" 
123 C  "C4'" . DC  B 1 ? 0.2032 0.1929 0.1573 0.0180  -0.0002 -0.0072 1  DC  B "C4'" 
124 O  "O4'" . DC  B 1 ? 0.1995 0.1922 0.1549 0.0127  0.0067  0.0092  1  DC  B "O4'" 
125 C  "C3'" . DC  B 1 ? 0.1849 0.1654 0.1544 0.0006  0.0131  0.0053  1  DC  B "C3'" 
126 O  "O3'" . DC  B 1 ? 0.2349 0.1828 0.1812 0.0070  0.0131  0.0140  1  DC  B "O3'" 
127 C  "C2'" . DC  B 1 ? 0.1897 0.1863 0.1509 -0.0160 -0.0112 -0.0085 1  DC  B "C2'" 
128 C  "C1'" . DC  B 1 ? 0.1756 0.1829 0.1542 -0.0096 -0.0071 0.0089  1  DC  B "C1'" 
129 N  N1    . DC  B 1 ? 0.1452 0.1746 0.1472 -0.0091 -0.0131 0.0045  1  DC  B N1    
130 C  C2    . DC  B 1 ? 0.1137 0.1619 0.1382 -0.0074 -0.0105 -0.0005 1  DC  B C2    
131 O  O2    . DC  B 1 ? 0.1512 0.1579 0.1516 -0.0266 -0.0132 0.0067  1  DC  B O2    
132 N  N3    . DC  B 1 ? 0.1444 0.1504 0.1297 -0.0046 0.0020  -0.0188 1  DC  B N3    
133 C  C4    . DC  B 1 ? 0.1414 0.1675 0.1217 -0.0033 -0.0170 -0.0220 1  DC  B C4    
134 N  N4    . DC  B 1 ? 0.1603 0.1685 0.1288 -0.0126 -0.0207 -0.0182 1  DC  B N4    
135 C  C5    . DC  B 1 ? 0.1612 0.1767 0.1397 -0.0084 -0.0259 -0.0082 1  DC  B C5    
136 C  C6    . DC  B 1 ? 0.1595 0.1843 0.1354 -0.0005 -0.0272 -0.0069 1  DC  B C6    
137 P  P     . DG  B 2 ? 0.2453 0.2396 0.1827 0.0421  -0.0299 -0.0074 2  DG  B P     
138 O  OP1   . DG  B 2 ? 0.2958 0.2539 0.2564 0.0297  -0.0141 0.0103  2  DG  B OP1   
139 O  OP2   . DG  B 2 ? 0.2496 0.2656 0.2312 0.0275  -0.0298 -0.0279 2  DG  B OP2   
140 O  "O5'" . DG  B 2 ? 0.2102 0.2495 0.1741 -0.0019 0.0031  -0.0205 2  DG  B "O5'" 
141 C  "C5'" . DG  B 2 ? 0.1830 0.2114 0.1638 -0.0141 -0.0004 -0.0233 2  DG  B "C5'" 
142 C  "C4'" . DG  B 2 ? 0.1729 0.1900 0.1461 -0.0137 -0.0003 -0.0010 2  DG  B "C4'" 
143 O  "O4'" . DG  B 2 ? 0.1619 0.1700 0.1373 -0.0101 0.0149  -0.0012 2  DG  B "O4'" 
144 C  "C3'" . DG  B 2 ? 0.2174 0.1847 0.1638 0.0091  -0.0069 -0.0048 2  DG  B "C3'" 
145 O  "O3'" . DG  B 2 ? 0.2327 0.1583 0.1654 0.0204  -0.0011 -0.0086 2  DG  B "O3'" 
146 C  "C2'" . DG  B 2 ? 0.1846 0.2048 0.1432 0.0154  -0.0098 -0.0037 2  DG  B "C2'" 
147 C  "C1'" . DG  B 2 ? 0.1413 0.1779 0.1497 0.0090  0.0098  -0.0083 2  DG  B "C1'" 
148 N  N9    . DG  B 2 ? 0.1322 0.1872 0.1339 0.0079  -0.0045 -0.0193 2  DG  B N9    
149 C  C8    . DG  B 2 ? 0.1588 0.2023 0.1574 0.0104  -0.0110 -0.0135 2  DG  B C8    
150 N  N7    . DG  B 2 ? 0.1564 0.2071 0.1347 0.0081  -0.0077 -0.0138 2  DG  B N7    
151 C  C5    . DG  B 2 ? 0.1250 0.1922 0.1252 -0.0004 0.0099  -0.0109 2  DG  B C5    
152 C  C6    . DG  B 2 ? 0.1330 0.1799 0.1423 0.0024  0.0108  -0.0155 2  DG  B C6    
153 O  O6    . DG  B 2 ? 0.1308 0.1904 0.1475 -0.0125 0.0033  -0.0256 2  DG  B O6    
154 N  N1    . DG  B 2 ? 0.1051 0.1773 0.1439 -0.0091 0.0110  -0.0180 2  DG  B N1    
155 C  C2    . DG  B 2 ? 0.1128 0.1635 0.1441 -0.0039 0.0031  -0.0099 2  DG  B C2    
156 N  N2    . DG  B 2 ? 0.1203 0.1803 0.1336 -0.0108 0.0052  -0.0116 2  DG  B N2    
157 N  N3    . DG  B 2 ? 0.1097 0.1761 0.1397 -0.0022 0.0123  -0.0068 2  DG  B N3    
158 C  C4    . DG  B 2 ? 0.1388 0.1853 0.1556 0.0100  0.0128  -0.0167 2  DG  B C4    
159 P  P     . DA  B 3 ? 0.2259 0.1549 0.1712 0.0234  -0.0118 0.0125  3  DA  B P     
160 O  OP1   . DA  B 3 ? 0.2547 0.2476 0.2113 -0.0207 0.0039  0.0145  3  DA  B OP1   
161 O  OP2   . DA  B 3 ? 0.2481 0.2859 0.2092 0.0256  -0.0211 0.0189  3  DA  B OP2   
162 O  "O5'" . DA  B 3 ? 0.1901 0.1512 0.1724 0.0293  0.0210  0.0056  3  DA  B "O5'" 
163 C  "C5'" . DA  B 3 ? 0.1495 0.1515 0.1455 -0.0077 0.0179  -0.0030 3  DA  B "C5'" 
164 C  "C4'" . DA  B 3 ? 0.1489 0.1258 0.1571 -0.0237 0.0162  -0.0146 3  DA  B "C4'" 
165 O  "O4'" . DA  B 3 ? 0.1163 0.1180 0.1933 -0.0171 0.0000  -0.0168 3  DA  B "O4'" 
166 C  "C3'" . DA  B 3 ? 0.1179 0.1392 0.1685 -0.0332 0.0113  -0.0135 3  DA  B "C3'" 
167 O  "O3'" . DA  B 3 ? 0.1337 0.1561 0.1694 -0.0304 0.0143  -0.0203 3  DA  B "O3'" 
168 C  "C2'" . DA  B 3 ? 0.1302 0.1217 0.1752 -0.0219 0.0054  -0.0067 3  DA  B "C2'" 
169 C  "C1'" . DA  B 3 ? 0.1105 0.1417 0.1639 -0.0136 -0.0016 -0.0212 3  DA  B "C1'" 
170 N  N9    . DA  B 3 ? 0.1190 0.1301 0.1501 -0.0163 0.0006  -0.0163 3  DA  B N9    
171 C  C8    . DA  B 3 ? 0.1226 0.1611 0.1494 -0.0106 -0.0012 -0.0118 3  DA  B C8    
172 N  N7    . DA  B 3 ? 0.1134 0.1491 0.1498 -0.0178 -0.0140 -0.0071 3  DA  B N7    
173 C  C5    . DA  B 3 ? 0.1034 0.1379 0.1517 -0.0022 0.0072  -0.0099 3  DA  B C5    
174 C  C6    . DA  B 3 ? 0.1027 0.1521 0.1560 -0.0140 0.0071  -0.0272 3  DA  B C6    
175 N  N6    . DA  B 3 ? 0.1065 0.1795 0.1529 -0.0142 0.0002  -0.0300 3  DA  B N6    
176 N  N1    . DA  B 3 ? 0.0927 0.1479 0.1506 -0.0181 0.0045  -0.0261 3  DA  B N1    
177 C  C2    . DA  B 3 ? 0.0903 0.1399 0.1543 -0.0198 -0.0054 -0.0170 3  DA  B C2    
178 N  N3    . DA  B 3 ? 0.0923 0.1302 0.1579 -0.0235 -0.0004 -0.0130 3  DA  B N3    
179 C  C4    . DA  B 3 ? 0.0940 0.1147 0.1386 -0.0171 0.0029  -0.0140 3  DA  B C4    
180 P  P     . DT  B 4 ? 0.1689 0.1676 0.1875 -0.0587 0.0290  -0.0475 4  DT  B P     
181 O  OP1   . DT  B 4 ? 0.2018 0.2192 0.2046 -0.0469 0.0093  -0.0370 4  DT  B OP1   
182 O  OP2   . DT  B 4 ? 0.2250 0.1699 0.2146 -0.0215 0.0406  -0.0175 4  DT  B OP2   
183 O  "O5'" . DT  B 4 ? 0.1426 0.1581 0.1947 -0.0488 0.0153  -0.0274 4  DT  B "O5'" 
184 C  "C5'" . DT  B 4 ? 0.1358 0.1806 0.1970 -0.0454 0.0067  -0.0087 4  DT  B "C5'" 
185 C  "C4'" . DT  B 4 ? 0.1479 0.1949 0.2115 -0.0396 0.0154  -0.0210 4  DT  B "C4'" 
186 O  "O4'" . DT  B 4 ? 0.1504 0.1861 0.2145 -0.0532 0.0389  -0.0295 4  DT  B "O4'" 
187 C  "C3'" . DT  B 4 ? 0.1819 0.2211 0.2311 -0.0354 0.0204  -0.0309 4  DT  B "C3'" 
188 O  "O3'" . DT  B 4 ? 0.2114 0.2658 0.2496 -0.0386 0.0303  -0.0234 4  DT  B "O3'" 
189 C  "C2'" . DT  B 4 ? 0.1778 0.2169 0.2253 -0.0395 0.0213  -0.0252 4  DT  B "C2'" 
190 C  "C1'" . DT  B 4 ? 0.1468 0.1798 0.2263 -0.0374 0.0376  0.0098  4  DT  B "C1'" 
191 N  N1    . DT  B 4 ? 0.1315 0.1464 0.2219 -0.0358 0.0389  -0.0037 4  DT  B N1    
192 C  C2    . DT  B 4 ? 0.1085 0.1375 0.2009 -0.0303 0.0343  0.0040  4  DT  B C2    
193 O  O2    . DT  B 4 ? 0.1426 0.1398 0.1929 -0.0290 0.0319  0.0073  4  DT  B O2    
194 N  N3    . DT  B 4 ? 0.1095 0.1223 0.1950 -0.0232 0.0387  0.0158  4  DT  B N3    
195 C  C4    . DT  B 4 ? 0.1239 0.1295 0.2283 -0.0122 0.0317  0.0136  4  DT  B C4    
196 O  O4    . DT  B 4 ? 0.1269 0.1354 0.2240 -0.0156 0.0332  0.0342  4  DT  B O4    
197 C  C5    . DT  B 4 ? 0.1271 0.1288 0.2393 -0.0130 0.0456  0.0104  4  DT  B C5    
198 C  C7    . DT  B 4 ? 0.1737 0.1493 0.2476 -0.0058 0.0340  0.0163  4  DT  B C7    
199 C  C6    . DT  B 4 ? 0.1364 0.1448 0.2245 -0.0162 0.0549  0.0069  4  DT  B C6    
200 P  P     . DC  B 5 ? 0.2451 0.2770 0.2301 -0.0638 0.0289  -0.0575 5  DC  B P     
201 O  OP1   . DC  B 5 ? 0.2901 0.3159 0.2788 -0.0370 -0.0069 -0.0197 5  DC  B OP1   
202 O  OP2   . DC  B 5 ? 0.2599 0.2629 0.2627 -0.0420 0.0392  -0.0381 5  DC  B OP2   
203 O  "O5'" . DC  B 5 ? 0.1938 0.2251 0.1938 -0.0499 0.0232  -0.0194 5  DC  B "O5'" 
204 C  "C5'" . DC  B 5 ? 0.1951 0.2311 0.2114 -0.0242 -0.0123 -0.0044 5  DC  B "C5'" 
205 C  "C4'" . DC  B 5 ? 0.1993 0.2069 0.1929 -0.0154 -0.0073 -0.0132 5  DC  B "C4'" 
206 O  "O4'" . DC  B 5 ? 0.1627 0.1923 0.1909 -0.0154 -0.0177 -0.0168 5  DC  B "O4'" 
207 C  "C3'" . DC  B 5 ? 0.2055 0.2162 0.2035 -0.0180 -0.0016 0.0069  5  DC  B "C3'" 
208 O  "O3'" . DC  B 5 ? 0.2056 0.2215 0.1879 -0.0224 -0.0125 0.0134  5  DC  B "O3'" 
209 C  "C2'" . DC  B 5 ? 0.2040 0.2053 0.1726 0.0001  0.0180  0.0071  5  DC  B "C2'" 
210 C  "C1'" . DC  B 5 ? 0.1709 0.1881 0.1676 -0.0054 0.0015  0.0075  5  DC  B "C1'" 
211 N  N1    . DC  B 5 ? 0.1650 0.1795 0.1668 -0.0073 0.0184  0.0064  5  DC  B N1    
212 C  C2    . DC  B 5 ? 0.1498 0.1664 0.1819 -0.0183 0.0010  0.0083  5  DC  B C2    
213 O  O2    . DC  B 5 ? 0.1565 0.1723 0.1938 -0.0189 -0.0114 0.0149  5  DC  B O2    
214 N  N3    . DC  B 5 ? 0.1235 0.1642 0.1724 -0.0063 0.0009  0.0037  5  DC  B N3    
215 C  C4    . DC  B 5 ? 0.1310 0.1700 0.1769 -0.0195 0.0100  0.0051  5  DC  B C4    
216 N  N4    . DC  B 5 ? 0.1487 0.1809 0.1793 -0.0056 0.0240  0.0184  5  DC  B N4    
217 C  C5    . DC  B 5 ? 0.1948 0.1922 0.1881 -0.0185 0.0105  0.0065  5  DC  B C5    
218 C  C6    . DC  B 5 ? 0.1919 0.1975 0.1851 -0.0179 0.0202  0.0100  5  DC  B C6    
219 P  P     . DG  B 6 ? 0.2336 0.2558 0.1552 -0.0360 0.0012  0.0255  6  DG  B P     
220 O  OP1   . DG  B 6 ? 0.2713 0.2595 0.1860 -0.0182 -0.0033 0.0412  6  DG  B OP1   
221 O  OP2   . DG  B 6 ? 0.2325 0.2478 0.2019 -0.0093 0.0168  0.0060  6  DG  B OP2   
222 O  "O5'" . DG  B 6 ? 0.2148 0.2021 0.1548 -0.0345 0.0055  0.0268  6  DG  B "O5'" 
223 C  "C5'" . DG  B 6 ? 0.2038 0.1936 0.1818 -0.0219 0.0083  0.0255  6  DG  B "C5'" 
224 C  "C4'" . DG  B 6 ? 0.1841 0.1515 0.1374 -0.0239 0.0149  0.0260  6  DG  B "C4'" 
225 O  "O4'" . DG  B 6 ? 0.1834 0.1574 0.1317 -0.0232 0.0171  0.0282  6  DG  B "O4'" 
226 C  "C3'" . DG  B 6 ? 0.1722 0.1806 0.1417 -0.0375 0.0287  0.0186  6  DG  B "C3'" 
227 O  "O3'" . DG  B 6 ? 0.2006 0.2349 0.1362 -0.0332 0.0303  0.0205  6  DG  B "O3'" 
228 C  "C2'" . DG  B 6 ? 0.1766 0.1843 0.1393 -0.0144 0.0320  -0.0058 6  DG  B "C2'" 
229 C  "C1'" . DG  B 6 ? 0.1554 0.1574 0.1255 -0.0272 0.0134  0.0123  6  DG  B "C1'" 
230 N  N9    . DG  B 6 ? 0.1616 0.1496 0.1361 -0.0266 0.0170  0.0031  6  DG  B N9    
231 C  C8    . DG  B 6 ? 0.1641 0.1473 0.1334 -0.0236 0.0134  0.0024  6  DG  B C8    
232 N  N7    . DG  B 6 ? 0.1497 0.1636 0.1346 -0.0260 0.0130  0.0078  6  DG  B N7    
233 C  C5    . DG  B 6 ? 0.1397 0.1362 0.1274 -0.0143 0.0105  0.0102  6  DG  B C5    
234 C  C6    . DG  B 6 ? 0.1573 0.1500 0.1277 -0.0169 0.0198  0.0145  6  DG  B C6    
235 O  O6    . DG  B 6 ? 0.1703 0.1491 0.1447 -0.0216 0.0078  0.0201  6  DG  B O6    
236 N  N1    . DG  B 6 ? 0.1467 0.1426 0.1258 -0.0244 0.0216  0.0228  6  DG  B N1    
237 C  C2    . DG  B 6 ? 0.1334 0.1396 0.1133 -0.0185 0.0201  0.0155  6  DG  B C2    
238 N  N2    . DG  B 6 ? 0.1421 0.1433 0.1178 -0.0088 0.0140  0.0095  6  DG  B N2    
239 N  N3    . DG  B 6 ? 0.1333 0.1443 0.1124 -0.0268 0.0122  0.0192  6  DG  B N3    
240 C  C4    . DG  B 6 ? 0.1412 0.1307 0.1250 -0.0297 0.0213  0.0161  6  DG  B C4    
241 C  C1    . PRL C . ? 0.1566 0.2015 0.2493 0.0221  0.0238  0.0185  21 PRL A C1    
242 C  C2    . PRL C . ? 0.1648 0.2084 0.2622 0.0111  0.0161  0.0184  21 PRL A C2    
243 C  C3    . PRL C . ? 0.1766 0.2022 0.2440 0.0092  0.0233  0.0209  21 PRL A C3    
244 C  C4    . PRL C . ? 0.1621 0.2145 0.2444 0.0073  0.0176  0.0175  21 PRL A C4    
245 C  C5    . PRL C . ? 0.1603 0.2168 0.2361 0.0172  0.0165  0.0240  21 PRL A C5    
246 C  C6    . PRL C . ? 0.1810 0.2106 0.2456 0.0052  0.0171  0.0258  21 PRL A C6    
247 C  C7    . PRL C . ? 0.1422 0.2021 0.2381 0.0027  0.0289  0.0371  21 PRL A C7    
248 C  C8    . PRL C . ? 0.1745 0.2310 0.2488 0.0124  0.0203  0.0204  21 PRL A C8    
249 C  C9    . PRL C . ? 0.1444 0.1945 0.2381 0.0193  0.0294  0.0305  21 PRL A C9    
250 N  N10   . PRL C . ? 0.1409 0.2080 0.2427 0.0146  0.0112  0.0150  21 PRL A N10   
251 C  C11   . PRL C . ? 0.1392 0.1980 0.2471 0.0122  0.0215  0.0160  21 PRL A C11   
252 C  C12   . PRL C . ? 0.1572 0.2107 0.2471 0.0171  0.0252  0.0278  21 PRL A C12   
253 C  C13   . PRL C . ? 0.1687 0.2155 0.2500 0.0077  0.0194  0.0265  21 PRL A C13   
254 C  C14   . PRL C . ? 0.1499 0.1954 0.2490 0.0118  0.0213  0.0194  21 PRL A C14   
255 N  N15   . PRL C . ? 0.1813 0.2132 0.2532 0.0044  0.0151  0.0175  21 PRL A N15   
256 N  N16   . PRL C . ? 0.1824 0.2234 0.2434 0.0065  0.0203  0.0271  21 PRL A N16   
257 CO CO    . NCO D . ? 0.1399 0.1647 0.2050 -0.0118 -0.0399 -0.0264 31 NCO A CO    
258 N  N1    . NCO D . ? 0.1975 0.2019 0.2222 -0.0115 -0.0240 -0.0306 31 NCO A N1    
259 N  N2    . NCO D . ? 0.2156 0.2333 0.2288 -0.0147 -0.0228 -0.0161 31 NCO A N2    
260 N  N3    . NCO D . ? 0.1814 0.1917 0.2264 -0.0138 -0.0234 -0.0250 31 NCO A N3    
261 N  N4    . NCO D . ? 0.2037 0.2306 0.2378 -0.0171 -0.0200 -0.0095 31 NCO A N4    
262 N  N5    . NCO D . ? 0.1834 0.2133 0.2256 -0.0021 -0.0324 -0.0237 31 NCO A N5    
263 N  N6    . NCO D . ? 0.1712 0.2246 0.2200 -0.0035 -0.0274 -0.0253 31 NCO A N6    
264 CO CO    A NCO E . ? 0.1335 0.2651 0.3559 -0.0224 0.0546  0.0714  32 NCO A CO    
265 N  N1    A NCO E . ? 0.2429 0.2413 0.3060 -0.0095 0.0133  0.0325  32 NCO A N1    
266 N  N2    A NCO E . ? 0.2261 0.2573 0.2975 -0.0015 0.0206  0.0298  32 NCO A N2    
267 N  N3    A NCO E . ? 0.2311 0.2356 0.2977 -0.0010 0.0193  0.0434  32 NCO A N3    
268 N  N4    A NCO E . ? 0.2459 0.2489 0.3151 0.0046  0.0148  0.0264  32 NCO A N4    
269 N  N5    A NCO E . ? 0.2567 0.2462 0.3210 0.0197  -0.0081 0.0392  32 NCO A N5    
270 N  N6    A NCO E . ? 0.2692 0.2491 0.3254 0.0075  -0.0061 0.0388  32 NCO A N6    
271 C  C1    . PRL F . ? 0.1737 0.2365 0.1847 0.0107  0.0087  0.0133  22 PRL B C1    
272 C  C2    . PRL F . ? 0.1473 0.2200 0.1732 -0.0047 0.0144  -0.0003 22 PRL B C2    
273 C  C3    . PRL F . ? 0.1856 0.1971 0.1817 0.0005  0.0058  0.0221  22 PRL B C3    
274 C  C4    . PRL F . ? 0.1811 0.2206 0.1834 0.0101  0.0194  0.0074  22 PRL B C4    
275 C  C5    . PRL F . ? 0.1740 0.2278 0.1986 -0.0004 0.0222  -0.0041 22 PRL B C5    
276 C  C6    . PRL F . ? 0.1808 0.2190 0.2077 -0.0044 0.0148  -0.0123 22 PRL B C6    
277 C  C7    . PRL F . ? 0.1777 0.2267 0.2111 -0.0083 0.0281  -0.0140 22 PRL B C7    
278 C  C8    . PRL F . ? 0.1529 0.2168 0.1967 0.0061  0.0396  -0.0157 22 PRL B C8    
279 C  C9    . PRL F . ? 0.1563 0.2272 0.1874 0.0039  0.0231  -0.0151 22 PRL B C9    
280 N  N10   . PRL F . ? 0.1714 0.2300 0.1888 0.0015  0.0375  -0.0052 22 PRL B N10   
281 C  C11   . PRL F . ? 0.1611 0.2080 0.1970 -0.0004 0.0277  -0.0046 22 PRL B C11   
282 C  C12   . PRL F . ? 0.1754 0.2393 0.2067 -0.0061 0.0170  -0.0086 22 PRL B C12   
283 C  C13   . PRL F . ? 0.1631 0.2359 0.1897 0.0016  0.0221  -0.0099 22 PRL B C13   
284 C  C14   . PRL F . ? 0.1435 0.2171 0.1975 -0.0017 0.0346  -0.0107 22 PRL B C14   
285 N  N15   . PRL F . ? 0.1868 0.2188 0.1838 0.0053  0.0097  0.0196  22 PRL B N15   
286 N  N16   . PRL F . ? 0.1928 0.2344 0.2125 -0.0080 0.0212  -0.0056 22 PRL B N16   
287 CO CO    A NCO G . ? 0.3346 0.1724 0.2151 -0.0569 0.0756  -0.0316 32 NCO B CO    
288 N  N1    A NCO G . ? 0.2874 0.2242 0.2404 -0.0270 0.0291  -0.0128 32 NCO B N1    
289 N  N2    A NCO G . ? 0.3016 0.2441 0.2641 -0.0216 0.0307  -0.0094 32 NCO B N2    
290 N  N3    A NCO G . ? 0.2936 0.2224 0.2511 -0.0300 0.0371  -0.0037 32 NCO B N3    
291 N  N4    A NCO G . ? 0.3054 0.2439 0.2616 -0.0280 0.0302  -0.0067 32 NCO B N4    
292 N  N5    A NCO G . ? 0.2868 0.2061 0.2677 -0.0310 0.0438  0.0026  32 NCO B N5    
293 N  N6    A NCO G . ? 0.2914 0.2205 0.2548 -0.0283 0.0339  -0.0077 32 NCO B N6    
# 
loop_
_pdbx_poly_seq_scheme.asym_id 
_pdbx_poly_seq_scheme.entity_id 
_pdbx_poly_seq_scheme.seq_id 
_pdbx_poly_seq_scheme.mon_id 
_pdbx_poly_seq_scheme.ndb_seq_num 
_pdbx_poly_seq_scheme.pdb_seq_num 
_pdbx_poly_seq_scheme.auth_seq_num 
_pdbx_poly_seq_scheme.pdb_mon_id 
_pdbx_poly_seq_scheme.auth_mon_id 
_pdbx_poly_seq_scheme.pdb_strand_id 
_pdbx_poly_seq_scheme.pdb_ins_code 
_pdbx_poly_seq_scheme.hetero 
A 1 1 DC 1 1 1 DC DC A . n 
A 1 2 DG 2 2 2 DG DG A . n 
A 1 3 DA 3 3 3 DA DA A . n 
A 1 4 DT 4 4 4 DT DT A . n 
A 1 5 DC 5 5 5 DC DC A . n 
A 1 6 DG 6 6 6 DG DG A . n 
B 1 1 DC 1 1 1 DC DC B . n 
B 1 2 DG 2 2 2 DG DG B . n 
B 1 3 DA 3 3 3 DA DA B . n 
B 1 4 DT 4 4 4 DT DT B . n 
B 1 5 DC 5 5 5 DC DC B . n 
B 1 6 DG 6 6 6 DG DG B . n 
# 
loop_
_pdbx_nonpoly_scheme.asym_id 
_pdbx_nonpoly_scheme.entity_id 
_pdbx_nonpoly_scheme.mon_id 
_pdbx_nonpoly_scheme.ndb_seq_num 
_pdbx_nonpoly_scheme.pdb_seq_num 
_pdbx_nonpoly_scheme.auth_seq_num 
_pdbx_nonpoly_scheme.pdb_mon_id 
_pdbx_nonpoly_scheme.auth_mon_id 
_pdbx_nonpoly_scheme.pdb_strand_id 
_pdbx_nonpoly_scheme.pdb_ins_code 
C 2 PRL 1  21  21  PRL PRL A . 
D 3 NCO 1  31  31  NCO NCO A . 
E 3 NCO 1  32  32  NCO NCO A . 
F 2 PRL 1  22  22  PRL PRL B . 
G 3 NCO 1  32  32  NCO NCO B . 
H 4 HOH 1  33  33  HOH HOH A . 
H 4 HOH 2  101 101 HOH HOH A . 
H 4 HOH 3  104 104 HOH HOH A . 
H 4 HOH 4  106 106 HOH HOH A . 
H 4 HOH 5  107 107 HOH HOH A . 
H 4 HOH 6  108 108 HOH HOH A . 
H 4 HOH 7  111 111 HOH HOH A . 
H 4 HOH 8  114 114 HOH HOH A . 
H 4 HOH 9  115 115 HOH HOH A . 
H 4 HOH 10 117 117 HOH HOH A . 
H 4 HOH 11 120 120 HOH HOH A . 
H 4 HOH 12 121 121 HOH HOH A . 
H 4 HOH 13 122 122 HOH HOH A . 
H 4 HOH 14 123 123 HOH HOH A . 
H 4 HOH 15 125 125 HOH HOH A . 
H 4 HOH 16 127 127 HOH HOH A . 
H 4 HOH 17 128 128 HOH HOH A . 
H 4 HOH 18 129 129 HOH HOH A . 
H 4 HOH 19 132 132 HOH HOH A . 
I 4 HOH 1  33  33  HOH HOH B . 
I 4 HOH 2  102 102 HOH HOH B . 
I 4 HOH 3  103 103 HOH HOH B . 
I 4 HOH 4  105 105 HOH HOH B . 
I 4 HOH 5  109 109 HOH HOH B . 
I 4 HOH 6  110 110 HOH HOH B . 
I 4 HOH 7  112 112 HOH HOH B . 
I 4 HOH 8  113 113 HOH HOH B . 
I 4 HOH 9  116 116 HOH HOH B . 
I 4 HOH 10 118 118 HOH HOH B . 
I 4 HOH 11 119 119 HOH HOH B . 
I 4 HOH 12 124 124 HOH HOH B . 
I 4 HOH 13 126 126 HOH HOH B . 
I 4 HOH 14 130 130 HOH HOH B . 
I 4 HOH 15 131 131 HOH HOH B . 
I 4 HOH 16 133 133 HOH HOH B . 
I 4 HOH 17 134 134 HOH HOH B . 
I 4 HOH 18 135 135 HOH HOH B . 
# 
_struct_site_keywords.site_id   1 
_struct_site_keywords.text      INTERCALATION 
# 
_pdbx_struct_assembly.id                   1 
_pdbx_struct_assembly.details              author_and_software_defined_assembly 
_pdbx_struct_assembly.method_details       PISA 
_pdbx_struct_assembly.oligomeric_details   dimeric 
_pdbx_struct_assembly.oligomeric_count     2 
# 
_pdbx_struct_assembly_gen.assembly_id       1 
_pdbx_struct_assembly_gen.oper_expression   1 
_pdbx_struct_assembly_gen.asym_id_list      A,B,C,D,E,F,G,H,I 
# 
loop_
_pdbx_struct_assembly_prop.biol_id 
_pdbx_struct_assembly_prop.type 
_pdbx_struct_assembly_prop.value 
_pdbx_struct_assembly_prop.details 
1 'ABSA (A^2)' 1120 ? 
1 MORE         -10  ? 
1 'SSA (A^2)'  3920 ? 
# 
_pdbx_struct_oper_list.id                   1 
_pdbx_struct_oper_list.type                 'identity operation' 
_pdbx_struct_oper_list.name                 1_555 
_pdbx_struct_oper_list.symmetry_operation   x,y,z 
_pdbx_struct_oper_list.matrix[1][1]         1.0000000000 
_pdbx_struct_oper_list.matrix[1][2]         0.0000000000 
_pdbx_struct_oper_list.matrix[1][3]         0.0000000000 
_pdbx_struct_oper_list.vector[1]            0.0000000000 
_pdbx_struct_oper_list.matrix[2][1]         0.0000000000 
_pdbx_struct_oper_list.matrix[2][2]         1.0000000000 
_pdbx_struct_oper_list.matrix[2][3]         0.0000000000 
_pdbx_struct_oper_list.vector[2]            0.0000000000 
_pdbx_struct_oper_list.matrix[3][1]         0.0000000000 
_pdbx_struct_oper_list.matrix[3][2]         0.0000000000 
_pdbx_struct_oper_list.matrix[3][3]         1.0000000000 
_pdbx_struct_oper_list.vector[3]            0.0000000000 
# 
loop_
_pdbx_audit_revision_history.ordinal 
_pdbx_audit_revision_history.data_content_type 
_pdbx_audit_revision_history.major_revision 
_pdbx_audit_revision_history.minor_revision 
_pdbx_audit_revision_history.revision_date 
1 'Structure model' 1 0 2010-02-02 
2 'Structure model' 1 1 2011-07-13 
3 'Structure model' 1 2 2019-07-24 
4 'Structure model' 1 3 2023-09-06 
# 
_pdbx_audit_revision_details.ordinal             1 
_pdbx_audit_revision_details.revision_ordinal    1 
_pdbx_audit_revision_details.data_content_type   'Structure model' 
_pdbx_audit_revision_details.provider            repository 
_pdbx_audit_revision_details.type                'Initial release' 
_pdbx_audit_revision_details.description         ? 
_pdbx_audit_revision_details.details             ? 
# 
loop_
_pdbx_audit_revision_group.ordinal 
_pdbx_audit_revision_group.revision_ordinal 
_pdbx_audit_revision_group.data_content_type 
_pdbx_audit_revision_group.group 
1 2 'Structure model' 'Version format compliance' 
2 3 'Structure model' 'Data collection'           
3 3 'Structure model' 'Refinement description'    
4 4 'Structure model' 'Data collection'           
5 4 'Structure model' 'Database references'       
6 4 'Structure model' 'Derived calculations'      
7 4 'Structure model' 'Refinement description'    
# 
loop_
_pdbx_audit_revision_category.ordinal 
_pdbx_audit_revision_category.revision_ordinal 
_pdbx_audit_revision_category.data_content_type 
_pdbx_audit_revision_category.category 
1 3 'Structure model' software                      
2 4 'Structure model' chem_comp_atom                
3 4 'Structure model' chem_comp_bond                
4 4 'Structure model' database_2                    
5 4 'Structure model' pdbx_initial_refinement_model 
6 4 'Structure model' struct_site                   
# 
loop_
_pdbx_audit_revision_item.ordinal 
_pdbx_audit_revision_item.revision_ordinal 
_pdbx_audit_revision_item.data_content_type 
_pdbx_audit_revision_item.item 
1 3 'Structure model' '_software.classification'            
2 3 'Structure model' '_software.name'                      
3 3 'Structure model' '_software.version'                   
4 4 'Structure model' '_database_2.pdbx_DOI'                
5 4 'Structure model' '_database_2.pdbx_database_accession' 
6 4 'Structure model' '_struct_site.pdbx_auth_asym_id'      
7 4 'Structure model' '_struct_site.pdbx_auth_comp_id'      
8 4 'Structure model' '_struct_site.pdbx_auth_seq_id'       
# 
loop_
_software.name 
_software.classification 
_software.version 
_software.citation_id 
_software.pdbx_ordinal 
REFMAC   refinement        5.2.0019 ? 1 
CNS      refinement        .        ? 2 
CBASS    'data collection' .        ? 3 
HKL-2000 'data reduction'  .        ? 4 
HKL-2000 'data scaling'    .        ? 5 
CNS      phasing           .        ? 6 
# 
loop_
_pdbx_validate_rmsd_angle.id 
_pdbx_validate_rmsd_angle.PDB_model_num 
_pdbx_validate_rmsd_angle.auth_atom_id_1 
_pdbx_validate_rmsd_angle.auth_asym_id_1 
_pdbx_validate_rmsd_angle.auth_comp_id_1 
_pdbx_validate_rmsd_angle.auth_seq_id_1 
_pdbx_validate_rmsd_angle.PDB_ins_code_1 
_pdbx_validate_rmsd_angle.label_alt_id_1 
_pdbx_validate_rmsd_angle.auth_atom_id_2 
_pdbx_validate_rmsd_angle.auth_asym_id_2 
_pdbx_validate_rmsd_angle.auth_comp_id_2 
_pdbx_validate_rmsd_angle.auth_seq_id_2 
_pdbx_validate_rmsd_angle.PDB_ins_code_2 
_pdbx_validate_rmsd_angle.label_alt_id_2 
_pdbx_validate_rmsd_angle.auth_atom_id_3 
_pdbx_validate_rmsd_angle.auth_asym_id_3 
_pdbx_validate_rmsd_angle.auth_comp_id_3 
_pdbx_validate_rmsd_angle.auth_seq_id_3 
_pdbx_validate_rmsd_angle.PDB_ins_code_3 
_pdbx_validate_rmsd_angle.label_alt_id_3 
_pdbx_validate_rmsd_angle.angle_value 
_pdbx_validate_rmsd_angle.angle_target_value 
_pdbx_validate_rmsd_angle.angle_deviation 
_pdbx_validate_rmsd_angle.angle_standard_deviation 
_pdbx_validate_rmsd_angle.linker_flag 
1 1 "O4'" A DG 6 ? ? "C1'" A DG 6 ? ? N9 A DG 6 ? ? 101.81 108.00 -6.19 0.70 N 
2 1 "O4'" B DG 6 ? ? "C1'" B DG 6 ? ? N9 B DG 6 ? ? 101.03 108.00 -6.97 0.70 N 
# 
loop_
_chem_comp_atom.comp_id 
_chem_comp_atom.atom_id 
_chem_comp_atom.type_symbol 
_chem_comp_atom.pdbx_aromatic_flag 
_chem_comp_atom.pdbx_stereo_config 
_chem_comp_atom.pdbx_ordinal 
DA  OP3    O  N N 1   
DA  P      P  N N 2   
DA  OP1    O  N N 3   
DA  OP2    O  N N 4   
DA  "O5'"  O  N N 5   
DA  "C5'"  C  N N 6   
DA  "C4'"  C  N R 7   
DA  "O4'"  O  N N 8   
DA  "C3'"  C  N S 9   
DA  "O3'"  O  N N 10  
DA  "C2'"  C  N N 11  
DA  "C1'"  C  N R 12  
DA  N9     N  Y N 13  
DA  C8     C  Y N 14  
DA  N7     N  Y N 15  
DA  C5     C  Y N 16  
DA  C6     C  Y N 17  
DA  N6     N  N N 18  
DA  N1     N  Y N 19  
DA  C2     C  Y N 20  
DA  N3     N  Y N 21  
DA  C4     C  Y N 22  
DA  HOP3   H  N N 23  
DA  HOP2   H  N N 24  
DA  "H5'"  H  N N 25  
DA  "H5''" H  N N 26  
DA  "H4'"  H  N N 27  
DA  "H3'"  H  N N 28  
DA  "HO3'" H  N N 29  
DA  "H2'"  H  N N 30  
DA  "H2''" H  N N 31  
DA  "H1'"  H  N N 32  
DA  H8     H  N N 33  
DA  H61    H  N N 34  
DA  H62    H  N N 35  
DA  H2     H  N N 36  
DC  OP3    O  N N 37  
DC  P      P  N N 38  
DC  OP1    O  N N 39  
DC  OP2    O  N N 40  
DC  "O5'"  O  N N 41  
DC  "C5'"  C  N N 42  
DC  "C4'"  C  N R 43  
DC  "O4'"  O  N N 44  
DC  "C3'"  C  N S 45  
DC  "O3'"  O  N N 46  
DC  "C2'"  C  N N 47  
DC  "C1'"  C  N R 48  
DC  N1     N  N N 49  
DC  C2     C  N N 50  
DC  O2     O  N N 51  
DC  N3     N  N N 52  
DC  C4     C  N N 53  
DC  N4     N  N N 54  
DC  C5     C  N N 55  
DC  C6     C  N N 56  
DC  HOP3   H  N N 57  
DC  HOP2   H  N N 58  
DC  "H5'"  H  N N 59  
DC  "H5''" H  N N 60  
DC  "H4'"  H  N N 61  
DC  "H3'"  H  N N 62  
DC  "HO3'" H  N N 63  
DC  "H2'"  H  N N 64  
DC  "H2''" H  N N 65  
DC  "H1'"  H  N N 66  
DC  H41    H  N N 67  
DC  H42    H  N N 68  
DC  H5     H  N N 69  
DC  H6     H  N N 70  
DG  OP3    O  N N 71  
DG  P      P  N N 72  
DG  OP1    O  N N 73  
DG  OP2    O  N N 74  
DG  "O5'"  O  N N 75  
DG  "C5'"  C  N N 76  
DG  "C4'"  C  N R 77  
DG  "O4'"  O  N N 78  
DG  "C3'"  C  N S 79  
DG  "O3'"  O  N N 80  
DG  "C2'"  C  N N 81  
DG  "C1'"  C  N R 82  
DG  N9     N  Y N 83  
DG  C8     C  Y N 84  
DG  N7     N  Y N 85  
DG  C5     C  Y N 86  
DG  C6     C  N N 87  
DG  O6     O  N N 88  
DG  N1     N  N N 89  
DG  C2     C  N N 90  
DG  N2     N  N N 91  
DG  N3     N  N N 92  
DG  C4     C  Y N 93  
DG  HOP3   H  N N 94  
DG  HOP2   H  N N 95  
DG  "H5'"  H  N N 96  
DG  "H5''" H  N N 97  
DG  "H4'"  H  N N 98  
DG  "H3'"  H  N N 99  
DG  "HO3'" H  N N 100 
DG  "H2'"  H  N N 101 
DG  "H2''" H  N N 102 
DG  "H1'"  H  N N 103 
DG  H8     H  N N 104 
DG  H1     H  N N 105 
DG  H21    H  N N 106 
DG  H22    H  N N 107 
DT  OP3    O  N N 108 
DT  P      P  N N 109 
DT  OP1    O  N N 110 
DT  OP2    O  N N 111 
DT  "O5'"  O  N N 112 
DT  "C5'"  C  N N 113 
DT  "C4'"  C  N R 114 
DT  "O4'"  O  N N 115 
DT  "C3'"  C  N S 116 
DT  "O3'"  O  N N 117 
DT  "C2'"  C  N N 118 
DT  "C1'"  C  N R 119 
DT  N1     N  N N 120 
DT  C2     C  N N 121 
DT  O2     O  N N 122 
DT  N3     N  N N 123 
DT  C4     C  N N 124 
DT  O4     O  N N 125 
DT  C5     C  N N 126 
DT  C7     C  N N 127 
DT  C6     C  N N 128 
DT  HOP3   H  N N 129 
DT  HOP2   H  N N 130 
DT  "H5'"  H  N N 131 
DT  "H5''" H  N N 132 
DT  "H4'"  H  N N 133 
DT  "H3'"  H  N N 134 
DT  "HO3'" H  N N 135 
DT  "H2'"  H  N N 136 
DT  "H2''" H  N N 137 
DT  "H1'"  H  N N 138 
DT  H3     H  N N 139 
DT  H71    H  N N 140 
DT  H72    H  N N 141 
DT  H73    H  N N 142 
DT  H6     H  N N 143 
HOH O      O  N N 144 
HOH H1     H  N N 145 
HOH H2     H  N N 146 
NCO CO     CO N N 147 
NCO N1     N  N N 148 
NCO N2     N  N N 149 
NCO N3     N  N N 150 
NCO N4     N  N N 151 
NCO N5     N  N N 152 
NCO N6     N  N N 153 
NCO HN11   H  N N 154 
NCO HN12   H  N N 155 
NCO HN13   H  N N 156 
NCO HN21   H  N N 157 
NCO HN22   H  N N 158 
NCO HN23   H  N N 159 
NCO HN31   H  N N 160 
NCO HN32   H  N N 161 
NCO HN33   H  N N 162 
NCO HN41   H  N N 163 
NCO HN42   H  N N 164 
NCO HN43   H  N N 165 
NCO HN51   H  N N 166 
NCO HN52   H  N N 167 
NCO HN53   H  N N 168 
NCO HN61   H  N N 169 
NCO HN62   H  N N 170 
NCO HN63   H  N N 171 
PRL C1     C  Y N 172 
PRL C2     C  Y N 173 
PRL C3     C  Y N 174 
PRL C4     C  Y N 175 
PRL C5     C  Y N 176 
PRL C6     C  Y N 177 
PRL C7     C  Y N 178 
PRL C8     C  Y N 179 
PRL C9     C  Y N 180 
PRL N10    N  Y N 181 
PRL C11    C  Y N 182 
PRL C12    C  Y N 183 
PRL C13    C  Y N 184 
PRL C14    C  Y N 185 
PRL N15    N  N N 186 
PRL N16    N  N N 187 
PRL H1     H  N N 188 
PRL H2     H  N N 189 
PRL H4     H  N N 190 
PRL H5     H  N N 191 
PRL H7     H  N N 192 
PRL H8     H  N N 193 
PRL H9     H  N N 194 
PRL HNF1   H  N N 195 
PRL HNF2   H  N N 196 
PRL HNG1   H  N N 197 
PRL HNG2   H  N N 198 
# 
loop_
_chem_comp_bond.comp_id 
_chem_comp_bond.atom_id_1 
_chem_comp_bond.atom_id_2 
_chem_comp_bond.value_order 
_chem_comp_bond.pdbx_aromatic_flag 
_chem_comp_bond.pdbx_stereo_config 
_chem_comp_bond.pdbx_ordinal 
DA  OP3   P      sing N N 1   
DA  OP3   HOP3   sing N N 2   
DA  P     OP1    doub N N 3   
DA  P     OP2    sing N N 4   
DA  P     "O5'"  sing N N 5   
DA  OP2   HOP2   sing N N 6   
DA  "O5'" "C5'"  sing N N 7   
DA  "C5'" "C4'"  sing N N 8   
DA  "C5'" "H5'"  sing N N 9   
DA  "C5'" "H5''" sing N N 10  
DA  "C4'" "O4'"  sing N N 11  
DA  "C4'" "C3'"  sing N N 12  
DA  "C4'" "H4'"  sing N N 13  
DA  "O4'" "C1'"  sing N N 14  
DA  "C3'" "O3'"  sing N N 15  
DA  "C3'" "C2'"  sing N N 16  
DA  "C3'" "H3'"  sing N N 17  
DA  "O3'" "HO3'" sing N N 18  
DA  "C2'" "C1'"  sing N N 19  
DA  "C2'" "H2'"  sing N N 20  
DA  "C2'" "H2''" sing N N 21  
DA  "C1'" N9     sing N N 22  
DA  "C1'" "H1'"  sing N N 23  
DA  N9    C8     sing Y N 24  
DA  N9    C4     sing Y N 25  
DA  C8    N7     doub Y N 26  
DA  C8    H8     sing N N 27  
DA  N7    C5     sing Y N 28  
DA  C5    C6     sing Y N 29  
DA  C5    C4     doub Y N 30  
DA  C6    N6     sing N N 31  
DA  C6    N1     doub Y N 32  
DA  N6    H61    sing N N 33  
DA  N6    H62    sing N N 34  
DA  N1    C2     sing Y N 35  
DA  C2    N3     doub Y N 36  
DA  C2    H2     sing N N 37  
DA  N3    C4     sing Y N 38  
DC  OP3   P      sing N N 39  
DC  OP3   HOP3   sing N N 40  
DC  P     OP1    doub N N 41  
DC  P     OP2    sing N N 42  
DC  P     "O5'"  sing N N 43  
DC  OP2   HOP2   sing N N 44  
DC  "O5'" "C5'"  sing N N 45  
DC  "C5'" "C4'"  sing N N 46  
DC  "C5'" "H5'"  sing N N 47  
DC  "C5'" "H5''" sing N N 48  
DC  "C4'" "O4'"  sing N N 49  
DC  "C4'" "C3'"  sing N N 50  
DC  "C4'" "H4'"  sing N N 51  
DC  "O4'" "C1'"  sing N N 52  
DC  "C3'" "O3'"  sing N N 53  
DC  "C3'" "C2'"  sing N N 54  
DC  "C3'" "H3'"  sing N N 55  
DC  "O3'" "HO3'" sing N N 56  
DC  "C2'" "C1'"  sing N N 57  
DC  "C2'" "H2'"  sing N N 58  
DC  "C2'" "H2''" sing N N 59  
DC  "C1'" N1     sing N N 60  
DC  "C1'" "H1'"  sing N N 61  
DC  N1    C2     sing N N 62  
DC  N1    C6     sing N N 63  
DC  C2    O2     doub N N 64  
DC  C2    N3     sing N N 65  
DC  N3    C4     doub N N 66  
DC  C4    N4     sing N N 67  
DC  C4    C5     sing N N 68  
DC  N4    H41    sing N N 69  
DC  N4    H42    sing N N 70  
DC  C5    C6     doub N N 71  
DC  C5    H5     sing N N 72  
DC  C6    H6     sing N N 73  
DG  OP3   P      sing N N 74  
DG  OP3   HOP3   sing N N 75  
DG  P     OP1    doub N N 76  
DG  P     OP2    sing N N 77  
DG  P     "O5'"  sing N N 78  
DG  OP2   HOP2   sing N N 79  
DG  "O5'" "C5'"  sing N N 80  
DG  "C5'" "C4'"  sing N N 81  
DG  "C5'" "H5'"  sing N N 82  
DG  "C5'" "H5''" sing N N 83  
DG  "C4'" "O4'"  sing N N 84  
DG  "C4'" "C3'"  sing N N 85  
DG  "C4'" "H4'"  sing N N 86  
DG  "O4'" "C1'"  sing N N 87  
DG  "C3'" "O3'"  sing N N 88  
DG  "C3'" "C2'"  sing N N 89  
DG  "C3'" "H3'"  sing N N 90  
DG  "O3'" "HO3'" sing N N 91  
DG  "C2'" "C1'"  sing N N 92  
DG  "C2'" "H2'"  sing N N 93  
DG  "C2'" "H2''" sing N N 94  
DG  "C1'" N9     sing N N 95  
DG  "C1'" "H1'"  sing N N 96  
DG  N9    C8     sing Y N 97  
DG  N9    C4     sing Y N 98  
DG  C8    N7     doub Y N 99  
DG  C8    H8     sing N N 100 
DG  N7    C5     sing Y N 101 
DG  C5    C6     sing N N 102 
DG  C5    C4     doub Y N 103 
DG  C6    O6     doub N N 104 
DG  C6    N1     sing N N 105 
DG  N1    C2     sing N N 106 
DG  N1    H1     sing N N 107 
DG  C2    N2     sing N N 108 
DG  C2    N3     doub N N 109 
DG  N2    H21    sing N N 110 
DG  N2    H22    sing N N 111 
DG  N3    C4     sing N N 112 
DT  OP3   P      sing N N 113 
DT  OP3   HOP3   sing N N 114 
DT  P     OP1    doub N N 115 
DT  P     OP2    sing N N 116 
DT  P     "O5'"  sing N N 117 
DT  OP2   HOP2   sing N N 118 
DT  "O5'" "C5'"  sing N N 119 
DT  "C5'" "C4'"  sing N N 120 
DT  "C5'" "H5'"  sing N N 121 
DT  "C5'" "H5''" sing N N 122 
DT  "C4'" "O4'"  sing N N 123 
DT  "C4'" "C3'"  sing N N 124 
DT  "C4'" "H4'"  sing N N 125 
DT  "O4'" "C1'"  sing N N 126 
DT  "C3'" "O3'"  sing N N 127 
DT  "C3'" "C2'"  sing N N 128 
DT  "C3'" "H3'"  sing N N 129 
DT  "O3'" "HO3'" sing N N 130 
DT  "C2'" "C1'"  sing N N 131 
DT  "C2'" "H2'"  sing N N 132 
DT  "C2'" "H2''" sing N N 133 
DT  "C1'" N1     sing N N 134 
DT  "C1'" "H1'"  sing N N 135 
DT  N1    C2     sing N N 136 
DT  N1    C6     sing N N 137 
DT  C2    O2     doub N N 138 
DT  C2    N3     sing N N 139 
DT  N3    C4     sing N N 140 
DT  N3    H3     sing N N 141 
DT  C4    O4     doub N N 142 
DT  C4    C5     sing N N 143 
DT  C5    C7     sing N N 144 
DT  C5    C6     doub N N 145 
DT  C7    H71    sing N N 146 
DT  C7    H72    sing N N 147 
DT  C7    H73    sing N N 148 
DT  C6    H6     sing N N 149 
HOH O     H1     sing N N 150 
HOH O     H2     sing N N 151 
NCO CO    N1     sing N N 152 
NCO CO    N2     sing N N 153 
NCO CO    N3     sing N N 154 
NCO CO    N4     sing N N 155 
NCO CO    N5     sing N N 156 
NCO CO    N6     sing N N 157 
NCO N1    HN11   sing N N 158 
NCO N1    HN12   sing N N 159 
NCO N1    HN13   sing N N 160 
NCO N2    HN21   sing N N 161 
NCO N2    HN22   sing N N 162 
NCO N2    HN23   sing N N 163 
NCO N3    HN31   sing N N 164 
NCO N3    HN32   sing N N 165 
NCO N3    HN33   sing N N 166 
NCO N4    HN41   sing N N 167 
NCO N4    HN42   sing N N 168 
NCO N4    HN43   sing N N 169 
NCO N5    HN51   sing N N 170 
NCO N5    HN52   sing N N 171 
NCO N5    HN53   sing N N 172 
NCO N6    HN61   sing N N 173 
NCO N6    HN62   sing N N 174 
NCO N6    HN63   sing N N 175 
PRL C1    C2     doub Y N 176 
PRL C1    C13    sing Y N 177 
PRL C1    H1     sing N N 178 
PRL C2    C3     sing Y N 179 
PRL C2    H2     sing N N 180 
PRL C3    C4     doub Y N 181 
PRL C3    N15    sing N N 182 
PRL C4    C11    sing Y N 183 
PRL C4    H4     sing N N 184 
PRL C5    C6     doub Y N 185 
PRL C5    C14    sing Y N 186 
PRL C5    H5     sing N N 187 
PRL C6    C7     sing Y N 188 
PRL C6    N16    sing N N 189 
PRL C7    C8     doub Y N 190 
PRL C7    H7     sing N N 191 
PRL C8    C12    sing Y N 192 
PRL C8    H8     sing N N 193 
PRL C9    C12    doub Y N 194 
PRL C9    C13    sing Y N 195 
PRL C9    H9     sing N N 196 
PRL N10   C11    sing Y N 197 
PRL N10   C14    doub Y N 198 
PRL C11   C13    doub Y N 199 
PRL C12   C14    sing Y N 200 
PRL N15   HNF1   sing N N 201 
PRL N15   HNF2   sing N N 202 
PRL N16   HNG1   sing N N 203 
PRL N16   HNG2   sing N N 204 
# 
_ndb_struct_conf_na.entry_id   3FT6 
_ndb_struct_conf_na.feature    'b-form double helix' 
# 
loop_
_ndb_struct_na_base_pair.model_number 
_ndb_struct_na_base_pair.i_label_asym_id 
_ndb_struct_na_base_pair.i_label_comp_id 
_ndb_struct_na_base_pair.i_label_seq_id 
_ndb_struct_na_base_pair.i_symmetry 
_ndb_struct_na_base_pair.j_label_asym_id 
_ndb_struct_na_base_pair.j_label_comp_id 
_ndb_struct_na_base_pair.j_label_seq_id 
_ndb_struct_na_base_pair.j_symmetry 
_ndb_struct_na_base_pair.shear 
_ndb_struct_na_base_pair.stretch 
_ndb_struct_na_base_pair.stagger 
_ndb_struct_na_base_pair.buckle 
_ndb_struct_na_base_pair.propeller 
_ndb_struct_na_base_pair.opening 
_ndb_struct_na_base_pair.pair_number 
_ndb_struct_na_base_pair.pair_name 
_ndb_struct_na_base_pair.i_auth_asym_id 
_ndb_struct_na_base_pair.i_auth_seq_id 
_ndb_struct_na_base_pair.i_PDB_ins_code 
_ndb_struct_na_base_pair.j_auth_asym_id 
_ndb_struct_na_base_pair.j_auth_seq_id 
_ndb_struct_na_base_pair.j_PDB_ins_code 
_ndb_struct_na_base_pair.hbond_type_28 
_ndb_struct_na_base_pair.hbond_type_12 
1 A DC 1 1_555 B DG 6 1_555 0.333  -0.238 0.346  -3.135 -14.037 -3.851 1 A_DC1:DG6_B A 1 ? B 6 ? 19 1 
1 A DG 2 1_555 B DC 5 1_555 -0.206 -0.179 -0.028 -4.143 -0.195  -3.378 2 A_DG2:DC5_B A 2 ? B 5 ? 19 1 
1 A DA 3 1_555 B DT 4 1_555 0.155  -0.133 0.091  0.885  -13.133 4.440  3 A_DA3:DT4_B A 3 ? B 4 ? 20 1 
1 A DT 4 1_555 B DA 3 1_555 -0.127 -0.129 0.094  -0.669 -13.113 4.252  4 A_DT4:DA3_B A 4 ? B 3 ? 20 1 
1 A DC 5 1_555 B DG 2 1_555 0.233  -0.194 -0.068 4.842  -0.267  -2.800 5 A_DC5:DG2_B A 5 ? B 2 ? 19 1 
1 A DG 6 1_555 B DC 1 1_555 -0.371 -0.251 0.353  3.410  -14.382 -3.893 6 A_DG6:DC1_B A 6 ? B 1 ? 19 1 
# 
loop_
_ndb_struct_na_base_pair_step.model_number 
_ndb_struct_na_base_pair_step.i_label_asym_id_1 
_ndb_struct_na_base_pair_step.i_label_comp_id_1 
_ndb_struct_na_base_pair_step.i_label_seq_id_1 
_ndb_struct_na_base_pair_step.i_symmetry_1 
_ndb_struct_na_base_pair_step.j_label_asym_id_1 
_ndb_struct_na_base_pair_step.j_label_comp_id_1 
_ndb_struct_na_base_pair_step.j_label_seq_id_1 
_ndb_struct_na_base_pair_step.j_symmetry_1 
_ndb_struct_na_base_pair_step.i_label_asym_id_2 
_ndb_struct_na_base_pair_step.i_label_comp_id_2 
_ndb_struct_na_base_pair_step.i_label_seq_id_2 
_ndb_struct_na_base_pair_step.i_symmetry_2 
_ndb_struct_na_base_pair_step.j_label_asym_id_2 
_ndb_struct_na_base_pair_step.j_label_comp_id_2 
_ndb_struct_na_base_pair_step.j_label_seq_id_2 
_ndb_struct_na_base_pair_step.j_symmetry_2 
_ndb_struct_na_base_pair_step.shift 
_ndb_struct_na_base_pair_step.slide 
_ndb_struct_na_base_pair_step.rise 
_ndb_struct_na_base_pair_step.tilt 
_ndb_struct_na_base_pair_step.roll 
_ndb_struct_na_base_pair_step.twist 
_ndb_struct_na_base_pair_step.x_displacement 
_ndb_struct_na_base_pair_step.y_displacement 
_ndb_struct_na_base_pair_step.helical_rise 
_ndb_struct_na_base_pair_step.inclination 
_ndb_struct_na_base_pair_step.tip 
_ndb_struct_na_base_pair_step.helical_twist 
_ndb_struct_na_base_pair_step.step_number 
_ndb_struct_na_base_pair_step.step_name 
_ndb_struct_na_base_pair_step.i_auth_asym_id_1 
_ndb_struct_na_base_pair_step.i_auth_seq_id_1 
_ndb_struct_na_base_pair_step.i_PDB_ins_code_1 
_ndb_struct_na_base_pair_step.j_auth_asym_id_1 
_ndb_struct_na_base_pair_step.j_auth_seq_id_1 
_ndb_struct_na_base_pair_step.j_PDB_ins_code_1 
_ndb_struct_na_base_pair_step.i_auth_asym_id_2 
_ndb_struct_na_base_pair_step.i_auth_seq_id_2 
_ndb_struct_na_base_pair_step.i_PDB_ins_code_2 
_ndb_struct_na_base_pair_step.j_auth_asym_id_2 
_ndb_struct_na_base_pair_step.j_auth_seq_id_2 
_ndb_struct_na_base_pair_step.j_PDB_ins_code_2 
1 A DC 1 1_555 B DG 6 1_555 A DG 2 1_555 B DC 5 1_555 0.027  0.685  6.670 3.630  3.219  21.453 -0.755 2.804  6.613 8.508  -9.593  
21.988 1 AA_DC1DG2:DC5DG6_BB A 1 ? B 6 ? A 2 ? B 5 ? 
1 A DG 2 1_555 B DC 5 1_555 A DA 3 1_555 B DT 4 1_555 -0.636 1.977  3.318 -6.474 7.799  36.557 1.951  0.071  3.703 12.148 10.085  
37.890 2 AA_DG2DA3:DT4DC5_BB A 2 ? B 5 ? A 3 ? B 4 ? 
1 A DA 3 1_555 B DT 4 1_555 A DT 4 1_555 B DA 3 1_555 -0.012 -0.042 3.232 -0.047 -2.317 33.517 0.303  0.013  3.228 -4.011 0.082   
33.594 3 AA_DA3DT4:DA3DT4_BB A 3 ? B 4 ? A 4 ? B 3 ? 
1 A DT 4 1_555 B DA 3 1_555 A DC 5 1_555 B DG 2 1_555 0.668  2.001  3.316 6.805  7.372  36.380 2.054  -0.071 3.699 11.540 -10.652 
37.693 4 AA_DT4DC5:DG2DA3_BB A 4 ? B 3 ? A 5 ? B 2 ? 
1 A DC 5 1_555 B DG 2 1_555 A DG 6 1_555 B DC 1 1_555 -0.031 0.684  6.672 -3.933 3.514  20.746 -1.102 -3.211 6.588 9.559  10.701  
21.399 5 AA_DC5DG6:DC1DG2_BB A 5 ? B 2 ? A 6 ? B 1 ? 
# 
loop_
_pdbx_entity_nonpoly.entity_id 
_pdbx_entity_nonpoly.name 
_pdbx_entity_nonpoly.comp_id 
2 PROFLAVIN               PRL 
3 'COBALT HEXAMMINE(III)' NCO 
4 water                   HOH 
# 
_pdbx_initial_refinement_model.id               1 
_pdbx_initial_refinement_model.entity_id_list   ? 
_pdbx_initial_refinement_model.type             'experimental model' 
_pdbx_initial_refinement_model.source_name      PDB 
_pdbx_initial_refinement_model.accession_code   1Z3F 
_pdbx_initial_refinement_model.details          'PDB Entry 1Z3F (DNA only)' 
# 
